data_8JEV
#
_entry.id   8JEV
#
_cell.length_a   1.00
_cell.length_b   1.00
_cell.length_c   1.00
_cell.angle_alpha   90.00
_cell.angle_beta   90.00
_cell.angle_gamma   90.00
#
_symmetry.space_group_name_H-M   'P 1'
#
loop_
_entity.id
_entity.type
_entity.pdbx_description
1 polymer 'H(+)/Cl(-) exchange transporter 3'
2 non-polymer 'CHLORIDE ION'
3 water water
#
_entity_poly.entity_id   1
_entity_poly.type   'polypeptide(L)'
_entity_poly.pdbx_seq_one_letter_code
;MESEQLFHRGYYRNSYNSITSASSDEELLDGAGAIMDFQTSEDDNLLDGDTAAGTHYTMTNGGSINSSTHLLDLLDEPIP
GVGTYDDFHTIDWVREKCKDRERHRRINSKKKESAWEMTKSLYDAWSGWLVVTLTGLASGALAGLIDIAADWMTDLKEGI
CLSALWYNHEQCCWGSNETTFEERDKCPQWKTWAELIIGQAEGPGSYIMNYIMYIFWALSFAFLAVSLVKVFAPYACGSG
IPEIKTILSGFIIRGYLGKWTLMIKTITLVLAVASGLSLGKEGPLVHVACCCGNIFSYLFPKYSTNEAKKREVLSAASAA
GVSVAFGAPIGGVLFSLEEVSYYFPLKTLWRSFFAALVAAFVLRSINPFGNSRLVLFYVEYHTPWYLFELFPFILLGVFG
GLWGAFFIRANIAWCRRRKSTKFGKYPVLEVIIVAAITAVIAFPNPYTRLNTSELIKELFTDCGPLESSSLCDYRNDMNA
SKIVDDIPDRPAGVGVYSAIWQLCLALIFKIIMTVFTFGIKVPSGLFIPSMAIGAIAGRIVGIAVEQLAYYHHDWFIFKE
WCEVGADCITPGLYAMVGAAACLGGVTRMTVSLVVIVFELTGGLEYIVPLMAAVMTSKWVGDAFGREGIYEAHIRLNGYP
FLDAKEEFTHTTLAADVMRPRRSDPPLAVLTQDNMTVDDIENMINETSYNGFPVIMSKESQRLVGFALRRDLTIAIESAR
KKQEGIVGSSRVCFAQHTPSLPAESPRPLKLRSILDMSPFTVTDHTPMEIVVDIFRKLGLRQCLVTHNGRLLGIITKKDI
LRHMAQTANQDPASIMFN
;
_entity_poly.pdbx_strand_id   A,B
#
loop_
_chem_comp.id
_chem_comp.type
_chem_comp.name
_chem_comp.formula
CL non-polymer 'CHLORIDE ION' 'Cl -1'
#
# COMPACT_ATOMS: atom_id res chain seq x y z
N TYR A 85 -3.52 4.08 32.58
CA TYR A 85 -2.70 5.23 32.25
C TYR A 85 -3.43 6.52 32.60
N ASP A 86 -2.72 7.47 33.19
CA ASP A 86 -3.25 8.80 33.40
C ASP A 86 -3.08 9.62 32.13
N ASP A 87 -3.67 10.80 32.11
CA ASP A 87 -3.56 11.66 30.94
C ASP A 87 -2.10 11.99 30.66
N PHE A 88 -1.78 12.15 29.38
CA PHE A 88 -0.45 12.54 28.94
C PHE A 88 0.59 11.51 29.35
N HIS A 89 0.24 10.23 29.26
CA HIS A 89 1.18 9.14 29.47
C HIS A 89 1.16 8.22 28.26
N THR A 90 2.34 7.80 27.84
CA THR A 90 2.47 6.89 26.71
C THR A 90 2.13 5.48 27.16
N ILE A 91 1.70 4.66 26.22
CA ILE A 91 1.12 3.35 26.53
C ILE A 91 2.19 2.26 26.43
N ASP A 92 2.03 1.23 27.26
CA ASP A 92 2.84 0.02 27.21
C ASP A 92 2.20 -0.91 26.18
N TRP A 93 2.79 -0.94 24.99
CA TRP A 93 2.18 -1.66 23.87
C TRP A 93 2.05 -3.15 24.15
N VAL A 94 3.05 -3.73 24.83
CA VAL A 94 3.04 -5.17 25.08
C VAL A 94 1.82 -5.56 25.91
N ARG A 95 1.52 -4.79 26.96
CA ARG A 95 0.35 -5.11 27.77
C ARG A 95 -0.94 -4.96 26.98
N GLU A 96 -0.99 -4.00 26.06
CA GLU A 96 -2.15 -3.90 25.17
C GLU A 96 -2.33 -5.20 24.40
N LYS A 97 -1.23 -5.71 23.83
CA LYS A 97 -1.33 -6.98 23.10
C LYS A 97 -1.76 -8.10 24.02
N CYS A 98 -1.22 -8.15 25.24
CA CYS A 98 -1.54 -9.24 26.15
C CYS A 98 -3.02 -9.23 26.51
N LYS A 99 -3.58 -8.06 26.80
CA LYS A 99 -5.00 -8.01 27.15
C LYS A 99 -5.87 -8.31 25.93
N ASP A 100 -5.44 -7.88 24.74
CA ASP A 100 -6.17 -8.26 23.53
C ASP A 100 -6.24 -9.77 23.38
N ARG A 101 -5.10 -10.44 23.56
CA ARG A 101 -5.08 -11.88 23.41
C ARG A 101 -5.85 -12.58 24.52
N GLU A 102 -5.85 -12.00 25.72
CA GLU A 102 -6.68 -12.57 26.79
C GLU A 102 -8.15 -12.49 26.44
N ARG A 103 -8.60 -11.36 25.87
CA ARG A 103 -9.99 -11.27 25.43
C ARG A 103 -10.26 -12.26 24.30
N HIS A 104 -9.29 -12.46 23.39
CA HIS A 104 -9.46 -13.48 22.36
C HIS A 104 -9.65 -14.85 23.00
N ARG A 105 -8.84 -15.19 23.99
CA ARG A 105 -8.97 -16.48 24.64
C ARG A 105 -10.33 -16.62 25.31
N ARG A 106 -10.77 -15.58 26.02
CA ARG A 106 -12.07 -15.65 26.69
C ARG A 106 -13.20 -15.86 25.69
N ILE A 107 -13.19 -15.09 24.60
CA ILE A 107 -14.25 -15.21 23.61
C ILE A 107 -14.22 -16.59 22.96
N ASN A 108 -13.03 -17.06 22.57
CA ASN A 108 -12.91 -18.33 21.87
C ASN A 108 -13.21 -19.52 22.78
N SER A 109 -13.10 -19.35 24.10
CA SER A 109 -13.44 -20.43 25.01
C SER A 109 -14.91 -20.82 24.85
N LYS A 110 -15.79 -19.82 24.75
CA LYS A 110 -17.22 -20.07 24.57
C LYS A 110 -17.65 -20.02 23.11
N LYS A 111 -16.74 -19.68 22.19
CA LYS A 111 -17.13 -19.48 20.80
C LYS A 111 -17.81 -20.72 20.22
N LYS A 112 -17.22 -21.89 20.44
CA LYS A 112 -17.70 -23.11 19.80
C LYS A 112 -18.91 -23.72 20.49
N GLU A 113 -19.26 -23.26 21.70
CA GLU A 113 -20.31 -23.91 22.47
C GLU A 113 -21.65 -23.84 21.73
N SER A 114 -22.17 -22.63 21.52
CA SER A 114 -23.49 -22.43 20.96
C SER A 114 -23.41 -21.53 19.74
N ALA A 115 -24.42 -21.65 18.88
CA ALA A 115 -24.45 -20.87 17.64
C ALA A 115 -24.39 -19.37 17.94
N TRP A 116 -25.01 -18.94 19.04
CA TRP A 116 -24.96 -17.53 19.42
C TRP A 116 -23.53 -17.06 19.65
N GLU A 117 -22.66 -17.95 20.13
CA GLU A 117 -21.28 -17.55 20.41
C GLU A 117 -20.48 -17.39 19.11
N MET A 118 -20.68 -18.29 18.15
CA MET A 118 -20.07 -18.10 16.83
C MET A 118 -20.59 -16.84 16.17
N THR A 119 -21.89 -16.57 16.33
CA THR A 119 -22.45 -15.32 15.83
C THR A 119 -21.78 -14.13 16.48
N LYS A 120 -21.52 -14.21 17.79
CA LYS A 120 -20.84 -13.12 18.48
C LYS A 120 -19.41 -12.94 17.98
N SER A 121 -18.72 -14.04 17.66
CA SER A 121 -17.35 -13.93 17.15
C SER A 121 -17.33 -13.25 15.79
N LEU A 122 -18.17 -13.74 14.86
CA LEU A 122 -18.29 -13.06 13.57
C LEU A 122 -18.71 -11.62 13.78
N TYR A 123 -19.53 -11.38 14.80
CA TYR A 123 -19.98 -10.03 15.12
C TYR A 123 -18.81 -9.16 15.55
N ASP A 124 -17.85 -9.73 16.27
CA ASP A 124 -16.69 -8.94 16.69
C ASP A 124 -15.80 -8.57 15.50
N ALA A 125 -15.54 -9.54 14.64
CA ALA A 125 -14.75 -9.21 13.44
C ALA A 125 -15.46 -8.16 12.60
N TRP A 126 -16.72 -8.40 12.29
CA TRP A 126 -17.48 -7.40 11.57
C TRP A 126 -17.69 -6.13 12.38
N SER A 127 -17.49 -6.16 13.70
CA SER A 127 -17.56 -4.93 14.47
C SER A 127 -16.35 -4.06 14.20
N GLY A 128 -15.17 -4.66 14.12
CA GLY A 128 -14.04 -3.90 13.59
C GLY A 128 -14.36 -3.31 12.24
N TRP A 129 -14.99 -4.11 11.38
CA TRP A 129 -15.30 -3.60 10.04
C TRP A 129 -16.37 -2.49 10.05
N LEU A 130 -17.40 -2.60 10.90
CA LEU A 130 -18.36 -1.51 11.00
C LEU A 130 -17.76 -0.27 11.64
N VAL A 131 -16.78 -0.41 12.53
CA VAL A 131 -16.08 0.77 13.03
C VAL A 131 -15.40 1.49 11.88
N VAL A 132 -14.70 0.75 11.03
CA VAL A 132 -14.08 1.37 9.85
C VAL A 132 -15.14 2.05 8.99
N THR A 133 -16.25 1.36 8.75
CA THR A 133 -17.28 1.88 7.86
C THR A 133 -17.97 3.10 8.45
N LEU A 134 -18.32 3.06 9.74
CA LEU A 134 -19.00 4.20 10.35
C LEU A 134 -18.09 5.41 10.38
N THR A 135 -16.80 5.19 10.67
CA THR A 135 -15.84 6.28 10.56
C THR A 135 -15.86 6.87 9.17
N GLY A 136 -15.84 6.02 8.14
CA GLY A 136 -15.86 6.53 6.78
C GLY A 136 -17.11 7.33 6.47
N LEU A 137 -18.26 6.82 6.88
CA LEU A 137 -19.51 7.51 6.59
C LEU A 137 -19.58 8.85 7.29
N ALA A 138 -19.25 8.87 8.59
CA ALA A 138 -19.34 10.12 9.35
C ALA A 138 -18.32 11.13 8.84
N SER A 139 -17.12 10.68 8.50
CA SER A 139 -16.13 11.58 7.94
C SER A 139 -16.60 12.17 6.62
N GLY A 140 -17.19 11.34 5.76
CA GLY A 140 -17.68 11.86 4.49
C GLY A 140 -18.79 12.87 4.70
N ALA A 141 -19.73 12.56 5.58
CA ALA A 141 -20.85 13.47 5.83
C ALA A 141 -20.38 14.79 6.43
N LEU A 142 -19.45 14.73 7.38
CA LEU A 142 -18.95 15.95 8.00
C LEU A 142 -18.11 16.75 7.03
N ALA A 143 -17.31 16.10 6.18
CA ALA A 143 -16.57 16.84 5.17
C ALA A 143 -17.51 17.54 4.21
N GLY A 144 -18.56 16.84 3.76
CA GLY A 144 -19.53 17.47 2.88
C GLY A 144 -20.24 18.63 3.53
N LEU A 145 -20.70 18.43 4.77
CA LEU A 145 -21.42 19.48 5.47
C LEU A 145 -20.54 20.69 5.72
N ILE A 146 -19.27 20.46 6.11
CA ILE A 146 -18.34 21.55 6.30
C ILE A 146 -18.13 22.28 4.98
N ASP A 147 -18.00 21.54 3.88
CA ASP A 147 -17.77 22.18 2.60
C ASP A 147 -18.95 23.08 2.24
N ILE A 148 -20.17 22.57 2.43
CA ILE A 148 -21.36 23.34 2.08
C ILE A 148 -21.47 24.60 2.92
N ALA A 149 -21.34 24.46 4.25
CA ALA A 149 -21.51 25.62 5.11
C ALA A 149 -20.37 26.61 4.93
N ALA A 150 -19.14 26.12 4.74
CA ALA A 150 -18.02 27.00 4.51
C ALA A 150 -18.22 27.82 3.25
N ASP A 151 -18.67 27.18 2.17
CA ASP A 151 -18.92 27.91 0.93
C ASP A 151 -20.01 28.95 1.13
N TRP A 152 -21.11 28.55 1.77
CA TRP A 152 -22.21 29.50 1.94
C TRP A 152 -21.77 30.71 2.73
N MET A 153 -21.04 30.51 3.83
CA MET A 153 -20.64 31.65 4.66
C MET A 153 -19.56 32.47 4.00
N THR A 154 -18.63 31.83 3.28
CA THR A 154 -17.61 32.56 2.57
C THR A 154 -18.22 33.50 1.55
N ASP A 155 -19.32 33.08 0.92
CA ASP A 155 -20.02 33.98 0.00
C ASP A 155 -20.92 34.96 0.75
N LEU A 156 -21.43 34.59 1.92
CA LEU A 156 -22.18 35.54 2.74
C LEU A 156 -21.31 36.70 3.16
N LYS A 157 -19.99 36.51 3.18
CA LYS A 157 -19.11 37.63 3.52
C LYS A 157 -19.42 38.86 2.68
N GLU A 158 -19.73 38.66 1.39
CA GLU A 158 -19.80 39.74 0.42
C GLU A 158 -21.08 39.68 -0.41
N GLY A 159 -22.22 39.63 0.26
CA GLY A 159 -23.48 39.82 -0.41
C GLY A 159 -24.54 38.88 0.11
N ILE A 160 -25.66 38.83 -0.59
CA ILE A 160 -26.75 37.92 -0.26
C ILE A 160 -27.70 37.87 -1.46
N CYS A 161 -28.15 36.66 -1.79
CA CYS A 161 -29.02 36.45 -2.95
C CYS A 161 -30.46 36.46 -2.47
N LEU A 162 -31.18 37.55 -2.77
CA LEU A 162 -32.48 37.76 -2.16
C LEU A 162 -33.49 36.68 -2.52
N SER A 163 -33.34 36.03 -3.68
CA SER A 163 -34.31 35.00 -4.06
C SER A 163 -34.39 33.92 -2.99
N ALA A 164 -33.30 33.18 -2.79
CA ALA A 164 -33.20 32.19 -1.73
C ALA A 164 -32.05 32.56 -0.82
N LEU A 165 -32.31 32.58 0.49
CA LEU A 165 -31.32 32.91 1.49
C LEU A 165 -30.51 31.69 1.92
N TRP A 166 -30.46 30.64 1.10
CA TRP A 166 -29.64 29.48 1.39
C TRP A 166 -28.81 29.07 0.18
N TYR A 167 -28.57 29.99 -0.73
CA TYR A 167 -27.68 29.78 -1.87
C TYR A 167 -26.50 30.73 -1.72
N ASN A 168 -25.38 30.34 -2.30
CA ASN A 168 -24.20 31.19 -2.29
C ASN A 168 -24.17 32.03 -3.55
N HIS A 169 -23.06 32.72 -3.80
CA HIS A 169 -22.97 33.57 -4.98
C HIS A 169 -23.01 32.76 -6.27
N GLU A 170 -22.38 31.59 -6.30
CA GLU A 170 -22.28 30.77 -7.50
C GLU A 170 -23.35 29.70 -7.56
N GLN A 171 -24.42 29.84 -6.78
CA GLN A 171 -25.48 28.83 -6.73
C GLN A 171 -26.85 29.35 -7.12
N CYS A 172 -27.20 30.59 -6.79
CA CYS A 172 -28.47 31.13 -7.24
C CYS A 172 -28.39 31.74 -8.62
N CYS A 173 -27.18 31.87 -9.18
CA CYS A 173 -27.03 32.20 -10.59
C CYS A 173 -27.20 30.97 -11.48
N TRP A 174 -27.25 29.79 -10.89
CA TRP A 174 -27.34 28.55 -11.65
C TRP A 174 -28.74 28.36 -12.22
N PRO A 188 -28.81 40.37 -11.10
CA PRO A 188 -30.08 40.80 -10.52
C PRO A 188 -30.51 39.94 -9.34
N GLN A 189 -30.40 38.62 -9.50
CA GLN A 189 -30.70 37.71 -8.40
C GLN A 189 -29.76 37.92 -7.23
N TRP A 190 -28.51 38.30 -7.50
CA TRP A 190 -27.48 38.50 -6.48
C TRP A 190 -27.33 39.99 -6.20
N LYS A 191 -27.45 40.37 -4.94
CA LYS A 191 -27.31 41.75 -4.52
C LYS A 191 -26.30 41.86 -3.39
N THR A 192 -25.17 42.52 -3.64
CA THR A 192 -24.18 42.72 -2.59
C THR A 192 -24.71 43.72 -1.55
N TRP A 193 -24.02 43.78 -0.42
CA TRP A 193 -24.49 44.59 0.69
C TRP A 193 -24.65 46.06 0.31
N ALA A 194 -23.85 46.53 -0.64
CA ALA A 194 -23.91 47.95 -0.98
C ALA A 194 -25.28 48.31 -1.55
N GLU A 195 -25.73 47.60 -2.59
CA GLU A 195 -27.05 47.89 -3.14
C GLU A 195 -28.17 47.42 -2.22
N LEU A 196 -27.89 46.48 -1.32
CA LEU A 196 -28.91 46.15 -0.33
C LEU A 196 -29.15 47.32 0.62
N ILE A 197 -28.10 48.08 0.95
CA ILE A 197 -28.20 49.21 1.87
C ILE A 197 -28.14 50.54 1.13
N ILE A 198 -27.02 50.82 0.47
CA ILE A 198 -26.89 52.07 -0.26
C ILE A 198 -27.86 52.11 -1.43
N GLY A 199 -28.05 50.98 -2.09
CA GLY A 199 -28.96 50.86 -3.21
C GLY A 199 -28.30 50.87 -4.57
N GLN A 200 -27.04 51.28 -4.65
CA GLN A 200 -26.34 51.41 -5.92
C GLN A 200 -25.25 50.35 -6.02
N ALA A 201 -24.77 50.14 -7.25
CA ALA A 201 -23.82 49.07 -7.53
C ALA A 201 -22.38 49.53 -7.42
N GLU A 202 -21.98 50.50 -8.25
CA GLU A 202 -20.60 50.96 -8.31
C GLU A 202 -20.51 52.41 -7.88
N GLY A 203 -19.33 52.78 -7.36
CA GLY A 203 -19.08 54.11 -6.88
C GLY A 203 -18.29 54.06 -5.58
N PRO A 204 -17.64 55.16 -5.23
CA PRO A 204 -16.81 55.15 -4.01
C PRO A 204 -17.59 54.73 -2.77
N GLY A 205 -18.83 55.19 -2.63
CA GLY A 205 -19.63 54.80 -1.49
C GLY A 205 -19.95 53.32 -1.50
N SER A 206 -20.34 52.79 -2.66
CA SER A 206 -20.63 51.36 -2.75
C SER A 206 -19.39 50.54 -2.41
N TYR A 207 -18.24 50.93 -2.95
CA TYR A 207 -17.02 50.18 -2.68
C TYR A 207 -16.64 50.22 -1.21
N ILE A 208 -16.73 51.40 -0.59
CA ILE A 208 -16.40 51.50 0.83
C ILE A 208 -17.36 50.65 1.65
N MET A 209 -18.64 50.67 1.31
CA MET A 209 -19.60 49.88 2.07
C MET A 209 -19.28 48.40 1.94
N ASN A 210 -18.95 47.95 0.72
CA ASN A 210 -18.59 46.56 0.51
C ASN A 210 -17.34 46.19 1.30
N TYR A 211 -16.34 47.06 1.30
CA TYR A 211 -15.10 46.81 2.03
C TYR A 211 -15.36 46.70 3.52
N ILE A 212 -16.13 47.63 4.08
CA ILE A 212 -16.42 47.60 5.51
C ILE A 212 -17.20 46.34 5.85
N MET A 213 -18.18 45.97 5.03
CA MET A 213 -18.97 44.78 5.32
C MET A 213 -18.09 43.54 5.28
N TYR A 214 -17.20 43.46 4.29
CA TYR A 214 -16.30 42.31 4.21
C TYR A 214 -15.43 42.19 5.44
N ILE A 215 -14.82 43.32 5.85
CA ILE A 215 -13.97 43.30 7.04
C ILE A 215 -14.77 42.89 8.27
N PHE A 216 -15.97 43.45 8.42
CA PHE A 216 -16.78 43.15 9.59
C PHE A 216 -17.17 41.68 9.63
N TRP A 217 -17.51 41.11 8.48
CA TRP A 217 -17.91 39.70 8.47
C TRP A 217 -16.73 38.79 8.74
N ALA A 218 -15.56 39.13 8.20
CA ALA A 218 -14.37 38.34 8.55
C ALA A 218 -14.12 38.39 10.04
N LEU A 219 -14.19 39.60 10.63
CA LEU A 219 -13.96 39.74 12.07
C LEU A 219 -14.96 38.94 12.87
N SER A 220 -16.23 39.02 12.51
CA SER A 220 -17.26 38.33 13.28
C SER A 220 -17.09 36.82 13.20
N PHE A 221 -16.82 36.29 12.01
CA PHE A 221 -16.64 34.85 11.89
C PHE A 221 -15.40 34.39 12.66
N ALA A 222 -14.28 35.09 12.54
CA ALA A 222 -13.10 34.69 13.27
C ALA A 222 -13.31 34.79 14.77
N PHE A 223 -14.01 35.83 15.23
CA PHE A 223 -14.25 35.98 16.65
C PHE A 223 -15.12 34.86 17.18
N LEU A 224 -16.15 34.47 16.42
CA LEU A 224 -16.95 33.31 16.84
C LEU A 224 -16.10 32.05 16.87
N ALA A 225 -15.23 31.85 15.88
CA ALA A 225 -14.39 30.66 15.88
C ALA A 225 -13.57 30.58 17.14
N VAL A 226 -12.81 31.64 17.44
CA VAL A 226 -11.92 31.58 18.59
C VAL A 226 -12.71 31.53 19.88
N SER A 227 -13.82 32.26 19.96
CA SER A 227 -14.64 32.22 21.16
C SER A 227 -15.10 30.80 21.45
N LEU A 228 -15.71 30.13 20.47
CA LEU A 228 -16.23 28.79 20.71
C LEU A 228 -15.11 27.82 21.05
N VAL A 229 -13.99 27.87 20.31
CA VAL A 229 -12.91 26.93 20.59
C VAL A 229 -12.38 27.12 22.00
N LYS A 230 -12.12 28.37 22.40
CA LYS A 230 -11.54 28.61 23.71
C LYS A 230 -12.52 28.27 24.82
N VAL A 231 -13.80 28.58 24.64
CA VAL A 231 -14.72 28.42 25.76
C VAL A 231 -15.17 26.98 25.90
N PHE A 232 -15.29 26.23 24.81
CA PHE A 232 -15.92 24.92 24.84
C PHE A 232 -14.98 23.76 24.58
N ALA A 233 -14.00 23.92 23.71
CA ALA A 233 -13.12 22.80 23.40
C ALA A 233 -11.77 23.29 22.90
N PRO A 234 -10.86 23.68 23.79
CA PRO A 234 -9.55 24.19 23.35
C PRO A 234 -8.76 23.20 22.54
N TYR A 235 -9.12 21.91 22.59
CA TYR A 235 -8.46 20.88 21.80
C TYR A 235 -8.83 20.94 20.33
N ALA A 236 -9.62 21.93 19.91
CA ALA A 236 -10.04 22.07 18.53
C ALA A 236 -9.15 23.00 17.72
N CYS A 237 -8.11 23.57 18.31
CA CYS A 237 -7.25 24.49 17.57
C CYS A 237 -6.27 23.73 16.70
N GLY A 238 -5.60 24.45 15.82
CA GLY A 238 -4.51 23.90 15.06
C GLY A 238 -4.91 22.83 14.07
N SER A 239 -3.97 22.40 13.24
CA SER A 239 -4.27 21.38 12.26
C SER A 239 -4.75 20.11 12.94
N GLY A 240 -4.06 19.69 13.99
CA GLY A 240 -4.47 18.53 14.75
C GLY A 240 -3.85 17.23 14.32
N ILE A 241 -2.98 17.23 13.30
CA ILE A 241 -2.31 16.03 12.86
C ILE A 241 -1.13 15.69 13.77
N PRO A 242 -0.37 16.68 14.26
CA PRO A 242 0.78 16.31 15.11
C PRO A 242 0.38 15.47 16.31
N GLU A 243 -0.65 15.90 17.02
CA GLU A 243 -1.09 15.14 18.18
C GLU A 243 -1.72 13.83 17.78
N ILE A 244 -2.24 13.72 16.56
CA ILE A 244 -2.77 12.43 16.11
C ILE A 244 -1.63 11.47 15.86
N LYS A 245 -0.53 11.94 15.31
CA LYS A 245 0.66 11.11 15.12
C LYS A 245 1.19 10.67 16.45
N THR A 246 1.18 11.53 17.47
CA THR A 246 1.59 11.15 18.82
C THR A 246 0.61 10.16 19.44
N ILE A 247 -0.69 10.34 19.19
CA ILE A 247 -1.68 9.44 19.75
C ILE A 247 -1.54 8.05 19.15
N LEU A 248 -1.37 7.97 17.84
CA LEU A 248 -1.15 6.68 17.21
C LEU A 248 0.16 6.06 17.65
N SER A 249 1.10 6.87 18.14
CA SER A 249 2.34 6.40 18.72
C SER A 249 2.23 6.15 20.21
N GLY A 250 1.05 5.79 20.69
CA GLY A 250 0.90 5.32 22.05
C GLY A 250 0.59 6.37 23.10
N PHE A 251 0.26 7.59 22.71
CA PHE A 251 0.05 8.67 23.66
C PHE A 251 -1.42 8.84 24.02
N ILE A 252 -1.66 9.38 25.21
CA ILE A 252 -2.99 9.63 25.74
C ILE A 252 -3.16 11.14 25.88
N ILE A 253 -4.20 11.69 25.25
CA ILE A 253 -4.53 13.10 25.43
C ILE A 253 -6.01 13.21 25.75
N ARG A 254 -6.60 12.12 26.23
CA ARG A 254 -7.97 12.08 26.72
C ARG A 254 -8.97 12.76 25.79
N GLY A 255 -9.21 14.04 26.00
CA GLY A 255 -10.25 14.74 25.28
C GLY A 255 -9.86 15.23 23.91
N TYR A 256 -8.74 14.76 23.37
CA TYR A 256 -8.27 15.23 22.09
C TYR A 256 -9.07 14.68 20.91
N LEU A 257 -9.88 13.65 21.12
CA LEU A 257 -10.62 13.04 20.03
C LEU A 257 -12.03 12.73 20.47
N GLY A 258 -12.66 13.66 21.19
CA GLY A 258 -13.92 13.41 21.83
C GLY A 258 -15.09 14.03 21.09
N LYS A 259 -16.22 14.06 21.79
CA LYS A 259 -17.42 14.66 21.22
C LYS A 259 -17.30 16.18 21.15
N TRP A 260 -16.82 16.80 22.22
CA TRP A 260 -16.75 18.26 22.24
C TRP A 260 -15.69 18.77 21.26
N THR A 261 -14.55 18.09 21.19
CA THR A 261 -13.54 18.51 20.23
C THR A 261 -14.07 18.39 18.82
N LEU A 262 -14.79 17.32 18.51
CA LEU A 262 -15.35 17.15 17.17
C LEU A 262 -16.37 18.22 16.85
N MET A 263 -17.33 18.43 17.74
CA MET A 263 -18.36 19.42 17.48
C MET A 263 -17.75 20.80 17.26
N ILE A 264 -16.88 21.22 18.18
CA ILE A 264 -16.34 22.57 18.08
C ILE A 264 -15.38 22.68 16.92
N LYS A 265 -14.65 21.61 16.59
CA LYS A 265 -13.78 21.72 15.44
C LYS A 265 -14.59 21.84 14.17
N THR A 266 -15.69 21.10 14.04
CA THR A 266 -16.51 21.26 12.84
C THR A 266 -17.09 22.66 12.74
N ILE A 267 -17.74 23.15 13.80
CA ILE A 267 -18.36 24.47 13.74
C ILE A 267 -17.30 25.53 13.49
N THR A 268 -16.24 25.55 14.28
CA THR A 268 -15.24 26.59 14.16
C THR A 268 -14.36 26.42 12.95
N LEU A 269 -14.36 25.24 12.32
CA LEU A 269 -13.65 25.07 11.07
C LEU A 269 -14.45 25.66 9.93
N VAL A 270 -15.77 25.51 9.95
CA VAL A 270 -16.63 26.24 9.03
C VAL A 270 -16.43 27.75 9.22
N LEU A 271 -16.47 28.21 10.48
CA LEU A 271 -16.38 29.65 10.74
C LEU A 271 -15.01 30.21 10.40
N ALA A 272 -13.95 29.45 10.66
CA ALA A 272 -12.60 29.90 10.36
C ALA A 272 -12.29 29.84 8.88
N VAL A 273 -12.92 28.92 8.13
CA VAL A 273 -12.78 28.94 6.69
C VAL A 273 -13.53 30.11 6.09
N ALA A 274 -14.74 30.38 6.59
CA ALA A 274 -15.53 31.48 6.08
C ALA A 274 -15.09 32.83 6.59
N SER A 275 -14.18 32.90 7.56
CA SER A 275 -13.68 34.18 8.04
C SER A 275 -12.55 34.72 7.20
N GLY A 276 -12.10 33.98 6.20
CA GLY A 276 -11.06 34.46 5.33
C GLY A 276 -9.65 34.23 5.82
N LEU A 277 -9.48 33.67 7.01
CA LEU A 277 -8.16 33.37 7.50
C LEU A 277 -7.47 32.40 6.55
N SER A 278 -6.16 32.55 6.43
CA SER A 278 -5.37 31.73 5.50
C SER A 278 -5.19 30.34 6.10
N LEU A 279 -6.28 29.59 6.13
CA LEU A 279 -6.28 28.25 6.70
C LEU A 279 -7.19 27.36 5.86
N GLY A 280 -7.30 26.10 6.26
CA GLY A 280 -8.08 25.14 5.50
C GLY A 280 -9.06 24.33 6.31
N LYS A 281 -9.63 23.31 5.67
CA LYS A 281 -10.48 22.33 6.33
C LYS A 281 -10.14 20.94 5.84
N GLU A 282 -8.87 20.71 5.51
CA GLU A 282 -8.41 19.41 5.04
C GLU A 282 -7.67 18.63 6.12
N GLY A 283 -6.62 19.20 6.71
CA GLY A 283 -5.97 18.58 7.83
C GLY A 283 -6.89 18.48 9.03
N PRO A 284 -7.54 19.59 9.35
CA PRO A 284 -8.62 19.53 10.33
C PRO A 284 -9.58 18.42 10.06
N LEU A 285 -9.70 17.97 8.81
CA LEU A 285 -10.57 16.83 8.54
C LEU A 285 -9.89 15.50 8.83
N VAL A 286 -8.56 15.44 8.82
CA VAL A 286 -7.88 14.28 9.41
C VAL A 286 -8.19 14.20 10.89
N HIS A 287 -8.12 15.32 11.60
CA HIS A 287 -8.44 15.32 13.02
C HIS A 287 -9.91 14.98 13.25
N VAL A 288 -10.80 15.49 12.40
CA VAL A 288 -12.23 15.20 12.59
C VAL A 288 -12.55 13.76 12.22
N ALA A 289 -11.86 13.21 11.22
CA ALA A 289 -12.03 11.79 10.92
C ALA A 289 -11.58 10.95 12.10
N CYS A 290 -10.46 11.32 12.73
CA CYS A 290 -9.99 10.56 13.89
C CYS A 290 -10.88 10.77 15.09
N CYS A 291 -11.49 11.94 15.22
CA CYS A 291 -12.48 12.14 16.27
C CYS A 291 -13.65 11.20 16.06
N CYS A 292 -14.09 11.04 14.82
CA CYS A 292 -15.13 10.06 14.53
C CYS A 292 -14.65 8.65 14.85
N GLY A 293 -13.42 8.32 14.48
CA GLY A 293 -12.90 7.00 14.75
C GLY A 293 -12.91 6.68 16.23
N ASN A 294 -12.41 7.61 17.04
CA ASN A 294 -12.45 7.41 18.49
C ASN A 294 -13.89 7.36 19.01
N ILE A 295 -14.76 8.25 18.54
CA ILE A 295 -16.10 8.28 19.09
C ILE A 295 -16.85 7.00 18.78
N PHE A 296 -16.54 6.37 17.64
CA PHE A 296 -17.19 5.11 17.30
C PHE A 296 -16.50 3.91 17.92
N SER A 297 -15.21 4.00 18.22
CA SER A 297 -14.56 2.91 18.92
C SER A 297 -15.23 2.62 20.24
N TYR A 298 -15.77 3.65 20.90
CA TYR A 298 -16.45 3.42 22.16
C TYR A 298 -17.70 2.58 22.00
N LEU A 299 -18.28 2.53 20.80
CA LEU A 299 -19.52 1.78 20.60
C LEU A 299 -19.32 0.30 20.89
N PHE A 300 -18.20 -0.27 20.42
CA PHE A 300 -18.01 -1.70 20.47
C PHE A 300 -16.99 -2.08 21.53
N PRO A 301 -17.12 -3.26 22.13
CA PRO A 301 -16.29 -3.59 23.29
C PRO A 301 -14.86 -3.99 22.96
N LYS A 302 -14.57 -4.40 21.73
CA LYS A 302 -13.18 -4.77 21.41
C LYS A 302 -12.26 -3.56 21.52
N TYR A 303 -12.71 -2.39 21.07
CA TYR A 303 -11.89 -1.20 21.02
C TYR A 303 -12.07 -0.29 22.23
N SER A 304 -13.27 -0.23 22.79
CA SER A 304 -13.49 0.61 23.96
C SER A 304 -12.60 0.18 25.11
N THR A 305 -12.39 -1.13 25.26
CA THR A 305 -11.61 -1.65 26.36
C THR A 305 -10.11 -1.47 26.18
N ASN A 306 -9.60 -1.63 24.95
CA ASN A 306 -8.18 -1.67 24.70
C ASN A 306 -7.71 -0.40 24.02
N GLU A 307 -6.39 -0.17 24.07
CA GLU A 307 -5.76 0.99 23.48
C GLU A 307 -5.03 0.70 22.17
N ALA A 308 -4.55 -0.52 21.96
CA ALA A 308 -3.95 -0.83 20.67
C ALA A 308 -4.99 -0.87 19.57
N LYS A 309 -6.16 -1.44 19.86
CA LYS A 309 -7.16 -1.60 18.83
C LYS A 309 -7.73 -0.26 18.41
N LYS A 310 -7.92 0.67 19.36
CA LYS A 310 -8.38 1.99 18.97
C LYS A 310 -7.30 2.76 18.23
N ARG A 311 -6.03 2.43 18.43
CA ARG A 311 -4.98 3.03 17.61
C ARG A 311 -5.05 2.51 16.18
N GLU A 312 -5.42 1.24 16.01
CA GLU A 312 -5.69 0.74 14.65
C GLU A 312 -6.87 1.47 14.02
N VAL A 313 -7.95 1.63 14.78
CA VAL A 313 -9.12 2.34 14.25
C VAL A 313 -8.77 3.77 13.90
N LEU A 314 -7.89 4.40 14.69
CA LEU A 314 -7.46 5.76 14.40
C LEU A 314 -6.60 5.82 13.15
N SER A 315 -5.80 4.77 12.88
CA SER A 315 -5.12 4.71 11.59
C SER A 315 -6.14 4.73 10.45
N ALA A 316 -7.16 3.88 10.54
CA ALA A 316 -8.18 3.84 9.50
C ALA A 316 -8.85 5.20 9.35
N ALA A 317 -9.12 5.86 10.48
CA ALA A 317 -9.82 7.14 10.45
C ALA A 317 -8.97 8.25 9.84
N SER A 318 -7.66 8.23 10.09
CA SER A 318 -6.79 9.21 9.43
C SER A 318 -6.79 8.99 7.92
N ALA A 319 -6.81 7.73 7.49
CA ALA A 319 -6.94 7.45 6.06
C ALA A 319 -8.24 8.05 5.51
N ALA A 320 -9.36 7.80 6.20
CA ALA A 320 -10.64 8.33 5.73
C ALA A 320 -10.63 9.86 5.70
N GLY A 321 -10.02 10.48 6.71
CA GLY A 321 -9.98 11.92 6.76
C GLY A 321 -9.21 12.53 5.61
N VAL A 322 -8.07 11.95 5.26
CA VAL A 322 -7.34 12.45 4.11
C VAL A 322 -8.13 12.21 2.83
N SER A 323 -8.83 11.08 2.74
CA SER A 323 -9.70 10.82 1.59
C SER A 323 -10.71 11.94 1.40
N VAL A 324 -11.46 12.27 2.46
CA VAL A 324 -12.45 13.32 2.31
C VAL A 324 -11.77 14.66 2.07
N ALA A 325 -10.62 14.88 2.66
CA ALA A 325 -9.92 16.16 2.49
C ALA A 325 -9.58 16.41 1.04
N PHE A 326 -9.09 15.38 0.33
CA PHE A 326 -8.68 15.55 -1.05
C PHE A 326 -9.53 14.80 -2.06
N GLY A 327 -10.44 13.93 -1.61
CA GLY A 327 -11.17 13.10 -2.52
C GLY A 327 -10.30 12.07 -3.23
N ALA A 328 -9.33 11.51 -2.52
CA ALA A 328 -8.38 10.56 -3.10
C ALA A 328 -8.21 9.36 -2.18
N PRO A 329 -9.10 8.39 -2.27
CA PRO A 329 -9.04 7.27 -1.31
C PRO A 329 -7.68 6.58 -1.24
N ILE A 330 -7.05 6.31 -2.38
CA ILE A 330 -5.70 5.73 -2.33
C ILE A 330 -4.74 6.74 -1.73
N GLY A 331 -4.91 8.01 -2.05
CA GLY A 331 -4.08 9.03 -1.46
C GLY A 331 -4.24 9.11 0.04
N GLY A 332 -5.47 8.96 0.53
CA GLY A 332 -5.67 8.95 1.96
C GLY A 332 -5.05 7.75 2.64
N VAL A 333 -5.15 6.58 2.00
CA VAL A 333 -4.50 5.40 2.56
C VAL A 333 -2.99 5.62 2.65
N LEU A 334 -2.40 6.18 1.59
CA LEU A 334 -0.96 6.42 1.61
C LEU A 334 -0.58 7.50 2.62
N PHE A 335 -1.44 8.50 2.81
CA PHE A 335 -1.14 9.53 3.80
C PHE A 335 -1.14 8.95 5.19
N SER A 336 -2.12 8.10 5.50
CA SER A 336 -2.07 7.40 6.78
C SER A 336 -0.82 6.53 6.88
N LEU A 337 -0.45 5.87 5.78
CA LEU A 337 0.69 4.95 5.83
C LEU A 337 1.99 5.70 6.08
N GLU A 338 2.18 6.85 5.43
CA GLU A 338 3.44 7.55 5.40
C GLU A 338 3.64 8.45 6.61
N GLU A 339 2.66 9.29 6.90
CA GLU A 339 2.81 10.27 7.95
C GLU A 339 2.12 10.08 9.23
N VAL A 340 0.90 9.59 9.24
CA VAL A 340 0.11 9.62 10.46
C VAL A 340 0.29 8.36 11.32
N SER A 341 0.97 7.34 10.84
CA SER A 341 1.13 6.13 11.63
C SER A 341 2.44 5.44 11.25
N TYR A 342 2.90 4.54 12.15
CA TYR A 342 4.02 3.68 11.84
C TYR A 342 3.81 2.26 12.36
N TYR A 343 2.55 1.81 12.38
CA TYR A 343 2.21 0.44 12.72
C TYR A 343 1.13 -0.01 11.75
N PHE A 344 1.48 -0.89 10.82
CA PHE A 344 0.55 -1.39 9.80
C PHE A 344 0.62 -2.90 9.71
N PRO A 345 -0.06 -3.61 10.60
CA PRO A 345 0.02 -5.08 10.60
C PRO A 345 -0.75 -5.73 9.45
N LEU A 346 -0.58 -5.21 8.24
CA LEU A 346 -1.10 -5.82 7.02
C LEU A 346 -2.62 -5.72 6.92
N LYS A 347 -3.28 -5.35 8.01
CA LYS A 347 -4.74 -5.25 8.04
C LYS A 347 -5.20 -3.82 8.02
N THR A 348 -4.52 -2.95 8.76
CA THR A 348 -4.84 -1.53 8.78
C THR A 348 -4.14 -0.82 7.64
N LEU A 349 -4.28 -1.39 6.43
CA LEU A 349 -4.18 -1.04 5.03
C LEU A 349 -5.46 -1.35 4.29
N TRP A 350 -5.98 -2.58 4.38
CA TRP A 350 -7.28 -2.86 3.79
C TRP A 350 -8.37 -2.09 4.51
N ARG A 351 -8.29 -2.02 5.83
CA ARG A 351 -9.28 -1.27 6.59
C ARG A 351 -9.15 0.23 6.29
N SER A 352 -7.92 0.73 6.17
CA SER A 352 -7.73 2.10 5.74
C SER A 352 -8.34 2.35 4.37
N PHE A 353 -8.16 1.41 3.44
CA PHE A 353 -8.69 1.57 2.10
C PHE A 353 -10.21 1.58 2.12
N PHE A 354 -10.83 0.72 2.90
CA PHE A 354 -12.29 0.76 2.95
C PHE A 354 -12.78 2.06 3.54
N ALA A 355 -12.14 2.54 4.61
CA ALA A 355 -12.56 3.80 5.20
C ALA A 355 -12.43 4.93 4.20
N ALA A 356 -11.29 4.98 3.49
CA ALA A 356 -11.05 6.05 2.53
C ALA A 356 -12.07 6.01 1.39
N LEU A 357 -12.32 4.82 0.83
CA LEU A 357 -13.28 4.69 -0.24
C LEU A 357 -14.67 5.09 0.20
N VAL A 358 -15.10 4.59 1.37
CA VAL A 358 -16.44 4.90 1.85
C VAL A 358 -16.59 6.40 2.05
N ALA A 359 -15.58 7.03 2.65
CA ALA A 359 -15.67 8.46 2.93
C ALA A 359 -15.71 9.26 1.63
N ALA A 360 -14.87 8.91 0.66
CA ALA A 360 -14.88 9.63 -0.61
C ALA A 360 -16.22 9.48 -1.31
N PHE A 361 -16.79 8.26 -1.32
CA PHE A 361 -18.07 8.06 -1.97
C PHE A 361 -19.17 8.86 -1.30
N VAL A 362 -19.23 8.84 0.04
CA VAL A 362 -20.27 9.59 0.73
C VAL A 362 -20.07 11.09 0.51
N LEU A 363 -18.83 11.54 0.43
CA LEU A 363 -18.56 12.94 0.11
C LEU A 363 -19.12 13.28 -1.26
N ARG A 364 -18.93 12.39 -2.24
CA ARG A 364 -19.47 12.64 -3.57
C ARG A 364 -20.99 12.71 -3.53
N SER A 365 -21.64 11.84 -2.75
CA SER A 365 -23.08 11.85 -2.71
C SER A 365 -23.62 13.18 -2.18
N ILE A 366 -22.98 13.73 -1.14
CA ILE A 366 -23.47 14.94 -0.48
C ILE A 366 -23.20 16.17 -1.36
N ASN A 367 -24.22 16.62 -2.08
CA ASN A 367 -24.10 17.81 -2.91
C ASN A 367 -25.47 18.42 -3.19
N PRO A 368 -26.17 18.93 -2.17
CA PRO A 368 -27.49 19.53 -2.41
C PRO A 368 -27.42 20.76 -3.31
N THR A 383 -4.13 18.40 -21.72
CA THR A 383 -3.19 18.70 -22.81
C THR A 383 -1.78 18.26 -22.41
N PRO A 384 -1.08 17.57 -23.30
CA PRO A 384 0.25 17.04 -22.94
C PRO A 384 1.25 18.15 -22.69
N TRP A 385 2.22 17.84 -21.83
CA TRP A 385 3.31 18.75 -21.48
C TRP A 385 4.56 18.36 -22.23
N TYR A 386 5.38 19.36 -22.55
CA TYR A 386 6.59 19.18 -23.32
C TYR A 386 7.77 18.96 -22.38
N LEU A 387 8.82 18.32 -22.91
CA LEU A 387 9.94 17.98 -22.06
C LEU A 387 10.59 19.22 -21.47
N PHE A 388 10.77 20.26 -22.28
CA PHE A 388 11.47 21.45 -21.81
C PHE A 388 10.76 22.13 -20.64
N GLU A 389 9.59 21.64 -20.24
CA GLU A 389 8.92 22.20 -19.08
C GLU A 389 9.42 21.65 -17.76
N LEU A 390 10.14 20.51 -17.74
CA LEU A 390 10.63 20.02 -16.46
C LEU A 390 11.50 21.05 -15.75
N PHE A 391 12.24 21.85 -16.49
CA PHE A 391 13.03 22.89 -15.84
C PHE A 391 12.14 23.86 -15.08
N PRO A 392 11.06 24.41 -15.66
CA PRO A 392 10.08 25.12 -14.80
C PRO A 392 9.50 24.24 -13.71
N PHE A 393 9.04 23.04 -14.02
CA PHE A 393 8.43 22.20 -13.00
C PHE A 393 9.39 21.99 -11.83
N ILE A 394 10.61 21.54 -12.11
CA ILE A 394 11.58 21.38 -11.03
C ILE A 394 11.77 22.69 -10.29
N LEU A 395 11.81 23.80 -11.03
CA LEU A 395 11.92 25.09 -10.37
C LEU A 395 10.84 25.23 -9.31
N LEU A 396 9.59 24.99 -9.68
CA LEU A 396 8.52 25.06 -8.68
C LEU A 396 8.85 24.15 -7.52
N GLY A 397 9.27 22.92 -7.81
CA GLY A 397 9.66 22.02 -6.74
C GLY A 397 10.60 22.68 -5.77
N VAL A 398 11.67 23.29 -6.28
CA VAL A 398 12.62 23.96 -5.42
C VAL A 398 11.91 25.01 -4.58
N PHE A 399 11.13 25.88 -5.24
CA PHE A 399 10.37 26.86 -4.49
C PHE A 399 9.56 26.17 -3.41
N GLY A 400 8.82 25.13 -3.79
CA GLY A 400 8.09 24.38 -2.80
C GLY A 400 8.98 24.08 -1.61
N GLY A 401 10.08 23.39 -1.87
CA GLY A 401 11.02 23.09 -0.79
C GLY A 401 11.31 24.31 0.05
N LEU A 402 11.83 25.36 -0.58
CA LEU A 402 12.20 26.55 0.19
C LEU A 402 11.03 26.99 1.07
N TRP A 403 9.85 27.14 0.46
CA TRP A 403 8.67 27.51 1.23
C TRP A 403 8.61 26.67 2.49
N GLY A 404 8.46 25.35 2.32
CA GLY A 404 8.38 24.47 3.46
C GLY A 404 9.42 24.83 4.47
N ALA A 405 10.69 24.76 4.07
CA ALA A 405 11.77 25.08 4.99
C ALA A 405 11.47 26.39 5.72
N PHE A 406 11.39 27.48 4.96
CA PHE A 406 11.04 28.76 5.56
C PHE A 406 9.90 28.60 6.54
N PHE A 407 8.75 28.14 6.04
CA PHE A 407 7.58 28.04 6.88
C PHE A 407 7.91 27.30 8.17
N ILE A 408 8.48 26.11 8.05
CA ILE A 408 8.66 25.28 9.24
C ILE A 408 9.48 26.02 10.27
N ARG A 409 10.53 26.72 9.83
CA ARG A 409 11.27 27.54 10.76
C ARG A 409 10.35 28.65 11.24
N ALA A 410 9.93 29.52 10.33
CA ALA A 410 9.27 30.75 10.75
C ALA A 410 8.06 30.44 11.61
N ASN A 411 7.14 29.62 11.09
CA ASN A 411 5.95 29.31 11.87
C ASN A 411 6.33 28.83 13.26
N ILE A 412 7.26 27.87 13.34
CA ILE A 412 7.60 27.31 14.64
C ILE A 412 8.12 28.41 15.54
N ALA A 413 9.01 29.26 15.02
CA ALA A 413 9.47 30.38 15.82
C ALA A 413 8.28 31.12 16.39
N TRP A 414 7.34 31.48 15.52
CA TRP A 414 6.17 32.20 15.99
C TRP A 414 5.44 31.42 17.06
N CYS A 415 5.19 30.13 16.82
CA CYS A 415 4.51 29.34 17.84
C CYS A 415 5.37 29.27 19.10
N ARG A 416 6.67 29.04 18.95
CA ARG A 416 7.55 29.03 20.11
C ARG A 416 7.64 30.39 20.75
N ARG A 417 7.31 31.45 20.01
CA ARG A 417 7.21 32.77 20.62
C ARG A 417 5.86 32.97 21.30
N ARG A 418 4.81 32.36 20.76
CA ARG A 418 3.51 32.52 21.40
C ARG A 418 3.51 31.92 22.80
N LYS A 419 4.41 30.98 23.06
CA LYS A 419 4.53 30.37 24.38
C LYS A 419 5.55 31.06 25.27
N SER A 420 6.16 32.14 24.80
CA SER A 420 7.16 32.86 25.59
C SER A 420 6.96 34.36 25.43
N THR A 421 5.71 34.80 25.55
CA THR A 421 5.38 36.22 25.55
C THR A 421 3.91 36.35 25.93
N LYS A 422 3.39 37.58 25.85
CA LYS A 422 2.02 37.83 26.30
C LYS A 422 1.00 37.03 25.50
N PHE A 423 1.34 36.67 24.26
CA PHE A 423 0.36 36.08 23.37
C PHE A 423 -0.34 34.90 24.02
N GLY A 424 0.43 34.04 24.70
CA GLY A 424 -0.15 32.83 25.24
C GLY A 424 -1.35 33.08 26.12
N LYS A 425 -1.42 34.25 26.74
CA LYS A 425 -2.55 34.61 27.59
C LYS A 425 -3.63 35.38 26.85
N TYR A 426 -3.42 35.67 25.56
CA TYR A 426 -4.36 36.44 24.75
C TYR A 426 -4.63 35.71 23.45
N PRO A 427 -5.42 34.63 23.49
CA PRO A 427 -5.78 33.94 22.25
C PRO A 427 -6.85 34.68 21.45
N VAL A 428 -7.90 35.16 22.11
CA VAL A 428 -9.02 35.76 21.40
C VAL A 428 -8.59 37.05 20.72
N LEU A 429 -7.85 37.90 21.43
CA LEU A 429 -7.37 39.12 20.82
C LEU A 429 -6.47 38.81 19.64
N GLU A 430 -5.67 37.76 19.74
CA GLU A 430 -4.81 37.37 18.64
C GLU A 430 -5.62 36.98 17.43
N VAL A 431 -6.64 36.14 17.61
CA VAL A 431 -7.43 35.71 16.47
C VAL A 431 -8.15 36.89 15.85
N ILE A 432 -8.71 37.78 16.67
CA ILE A 432 -9.41 38.94 16.15
C ILE A 432 -8.47 39.82 15.35
N ILE A 433 -7.26 40.05 15.86
CA ILE A 433 -6.31 40.92 15.17
C ILE A 433 -5.87 40.29 13.86
N VAL A 434 -5.56 38.99 13.87
CA VAL A 434 -5.15 38.35 12.63
C VAL A 434 -6.29 38.37 11.62
N ALA A 435 -7.51 38.12 12.06
CA ALA A 435 -8.64 38.13 11.13
C ALA A 435 -8.88 39.52 10.59
N ALA A 436 -8.73 40.55 11.42
CA ALA A 436 -8.90 41.93 10.94
C ALA A 436 -7.85 42.28 9.91
N ILE A 437 -6.59 41.94 10.15
CA ILE A 437 -5.54 42.25 9.19
C ILE A 437 -5.76 41.46 7.90
N THR A 438 -6.10 40.17 8.02
CA THR A 438 -6.38 39.37 6.84
C THR A 438 -7.50 39.99 6.02
N ALA A 439 -8.59 40.38 6.66
CA ALA A 439 -9.71 40.94 5.92
C ALA A 439 -9.36 42.27 5.31
N VAL A 440 -8.68 43.14 6.06
CA VAL A 440 -8.34 44.47 5.54
C VAL A 440 -7.46 44.35 4.31
N ILE A 441 -6.45 43.48 4.36
CA ILE A 441 -5.50 43.39 3.25
C ILE A 441 -5.93 42.42 2.16
N ALA A 442 -6.97 41.64 2.39
CA ALA A 442 -7.39 40.66 1.41
C ALA A 442 -8.45 41.18 0.44
N PHE A 443 -9.36 42.04 0.91
CA PHE A 443 -10.47 42.44 0.05
C PHE A 443 -10.02 43.16 -1.22
N PRO A 444 -9.20 44.22 -1.15
CA PRO A 444 -8.98 45.01 -2.36
C PRO A 444 -8.55 44.17 -3.54
N ASN A 445 -7.72 43.18 -3.29
CA ASN A 445 -7.23 42.31 -4.35
C ASN A 445 -8.28 41.26 -4.68
N PRO A 446 -8.67 41.12 -5.94
CA PRO A 446 -9.76 40.18 -6.28
C PRO A 446 -9.37 38.71 -6.18
N TYR A 447 -8.10 38.39 -5.93
CA TYR A 447 -7.70 36.99 -5.77
C TYR A 447 -7.61 36.57 -4.31
N THR A 448 -7.17 37.45 -3.42
CA THR A 448 -7.19 37.13 -2.00
C THR A 448 -8.59 37.28 -1.41
N ARG A 449 -9.49 37.97 -2.10
CA ARG A 449 -10.87 38.07 -1.63
C ARG A 449 -11.58 36.73 -1.73
N LEU A 450 -11.31 35.97 -2.79
CA LEU A 450 -12.00 34.71 -3.00
C LEU A 450 -11.62 33.68 -1.95
N ASN A 451 -12.52 32.73 -1.71
CA ASN A 451 -12.18 31.59 -0.90
C ASN A 451 -10.95 30.91 -1.47
N THR A 452 -9.99 30.59 -0.59
CA THR A 452 -8.75 30.00 -1.08
C THR A 452 -9.00 28.77 -1.95
N SER A 453 -10.03 27.98 -1.61
CA SER A 453 -10.39 26.87 -2.48
C SER A 453 -10.89 27.37 -3.82
N GLU A 454 -11.66 28.44 -3.84
CA GLU A 454 -12.12 29.00 -5.10
C GLU A 454 -10.94 29.55 -5.89
N LEU A 455 -9.94 30.12 -5.20
CA LEU A 455 -8.74 30.57 -5.89
C LEU A 455 -7.96 29.40 -6.48
N ILE A 456 -7.97 28.27 -5.79
CA ILE A 456 -7.29 27.09 -6.32
C ILE A 456 -8.01 26.56 -7.55
N LYS A 457 -9.34 26.51 -7.49
CA LYS A 457 -10.10 26.06 -8.64
C LYS A 457 -9.94 27.01 -9.83
N GLU A 458 -9.79 28.31 -9.55
CA GLU A 458 -9.54 29.28 -10.61
C GLU A 458 -8.13 29.16 -11.17
N LEU A 459 -7.13 28.90 -10.32
CA LEU A 459 -5.75 28.84 -10.76
C LEU A 459 -5.36 27.50 -11.37
N PHE A 460 -6.14 26.45 -11.13
CA PHE A 460 -5.85 25.17 -11.76
C PHE A 460 -6.49 25.02 -13.13
N THR A 461 -7.34 25.94 -13.55
CA THR A 461 -8.09 25.82 -14.80
C THR A 461 -7.45 26.68 -15.87
N ASP A 462 -7.69 26.30 -17.12
CA ASP A 462 -7.12 27.01 -18.26
C ASP A 462 -8.10 28.05 -18.81
N CYS A 463 -7.55 29.10 -19.39
CA CYS A 463 -8.37 30.14 -19.99
C CYS A 463 -9.06 29.60 -21.23
N GLY A 464 -10.32 30.00 -21.43
CA GLY A 464 -11.09 29.56 -22.58
C GLY A 464 -12.11 30.60 -23.03
N TYR A 497 -0.76 41.96 -17.92
CA TYR A 497 0.28 42.22 -16.94
C TYR A 497 -0.30 42.37 -15.55
N SER A 498 -1.56 42.81 -15.48
CA SER A 498 -2.23 42.96 -14.19
C SER A 498 -2.32 41.62 -13.46
N ALA A 499 -2.52 40.54 -14.22
CA ALA A 499 -2.67 39.23 -13.59
C ALA A 499 -1.42 38.84 -12.81
N ILE A 500 -0.24 39.08 -13.39
CA ILE A 500 1.00 38.72 -12.70
C ILE A 500 1.17 39.56 -11.44
N TRP A 501 0.91 40.86 -11.52
CA TRP A 501 1.07 41.72 -10.35
C TRP A 501 0.13 41.30 -9.23
N GLN A 502 -1.14 41.03 -9.57
CA GLN A 502 -2.11 40.67 -8.54
C GLN A 502 -1.84 39.27 -8.00
N LEU A 503 -1.38 38.35 -8.83
CA LEU A 503 -1.01 37.03 -8.32
C LEU A 503 0.22 37.11 -7.42
N CYS A 504 1.18 37.98 -7.75
CA CYS A 504 2.35 38.14 -6.88
C CYS A 504 1.94 38.72 -5.54
N LEU A 505 1.04 39.70 -5.54
CA LEU A 505 0.54 40.25 -4.27
C LEU A 505 -0.21 39.19 -3.47
N ALA A 506 -1.03 38.39 -4.15
CA ALA A 506 -1.70 37.29 -3.46
C ALA A 506 -0.69 36.34 -2.84
N LEU A 507 0.37 36.02 -3.57
CA LEU A 507 1.36 35.09 -3.05
C LEU A 507 2.04 35.64 -1.81
N ILE A 508 2.52 36.87 -1.87
CA ILE A 508 3.21 37.45 -0.71
C ILE A 508 2.27 37.51 0.48
N PHE A 509 1.04 37.96 0.26
CA PHE A 509 0.10 38.06 1.37
C PHE A 509 -0.18 36.70 1.97
N LYS A 510 -0.37 35.67 1.15
CA LYS A 510 -0.66 34.35 1.69
C LYS A 510 0.53 33.78 2.44
N ILE A 511 1.73 34.02 1.93
CA ILE A 511 2.94 33.53 2.60
C ILE A 511 3.07 34.15 3.98
N ILE A 512 2.82 35.45 4.10
CA ILE A 512 2.90 36.08 5.42
C ILE A 512 1.79 35.58 6.33
N MET A 513 0.55 35.59 5.84
CA MET A 513 -0.58 35.35 6.72
C MET A 513 -0.73 33.89 7.11
N THR A 514 -0.13 32.95 6.36
CA THR A 514 -0.16 31.57 6.83
C THR A 514 0.88 31.33 7.91
N VAL A 515 2.03 32.01 7.80
CA VAL A 515 3.02 31.94 8.87
C VAL A 515 2.45 32.50 10.15
N PHE A 516 1.74 33.62 10.06
CA PHE A 516 1.14 34.22 11.25
C PHE A 516 -0.17 33.56 11.66
N THR A 517 -0.79 32.79 10.77
CA THR A 517 -2.08 32.19 11.05
C THR A 517 -1.98 30.79 11.63
N PHE A 518 -1.22 29.90 10.99
CA PHE A 518 -1.16 28.53 11.48
C PHE A 518 -0.69 28.55 12.92
N GLY A 519 -1.54 28.10 13.83
CA GLY A 519 -1.22 28.08 15.23
C GLY A 519 -2.23 28.81 16.09
N ILE A 520 -2.78 29.92 15.59
CA ILE A 520 -3.74 30.65 16.39
C ILE A 520 -4.89 29.73 16.75
N LYS A 521 -5.60 30.08 17.80
CA LYS A 521 -6.60 29.18 18.36
C LYS A 521 -7.86 29.15 17.51
N VAL A 522 -7.76 28.65 16.30
CA VAL A 522 -8.92 28.30 15.48
C VAL A 522 -8.51 27.08 14.69
N PRO A 523 -9.43 26.25 14.23
CA PRO A 523 -9.03 25.03 13.53
C PRO A 523 -8.33 25.30 12.23
N SER A 524 -7.07 25.71 12.33
CA SER A 524 -6.29 26.16 11.17
C SER A 524 -5.57 24.98 10.56
N GLY A 525 -6.08 24.49 9.44
CA GLY A 525 -5.37 23.51 8.66
C GLY A 525 -4.25 24.13 7.86
N LEU A 526 -3.51 23.28 7.16
CA LEU A 526 -2.32 23.71 6.47
C LEU A 526 -2.17 23.11 5.08
N PHE A 527 -3.13 22.32 4.62
CA PHE A 527 -3.06 21.80 3.26
C PHE A 527 -3.46 22.85 2.24
N ILE A 528 -4.59 23.52 2.47
CA ILE A 528 -5.18 24.29 1.38
C ILE A 528 -4.41 25.61 1.23
N PRO A 529 -3.90 26.26 2.29
CA PRO A 529 -3.13 27.48 2.04
C PRO A 529 -1.75 27.20 1.47
N SER A 530 -1.15 26.07 1.83
CA SER A 530 0.08 25.66 1.15
C SER A 530 -0.17 25.36 -0.32
N MET A 531 -1.27 24.68 -0.64
CA MET A 531 -1.64 24.47 -2.04
C MET A 531 -1.92 25.78 -2.75
N ALA A 532 -2.55 26.74 -2.09
CA ALA A 532 -2.85 28.01 -2.74
C ALA A 532 -1.59 28.81 -2.99
N ILE A 533 -0.65 28.80 -2.05
CA ILE A 533 0.63 29.48 -2.26
C ILE A 533 1.37 28.82 -3.42
N GLY A 534 1.39 27.49 -3.43
CA GLY A 534 2.05 26.78 -4.51
C GLY A 534 1.38 27.02 -5.86
N ALA A 535 0.05 27.04 -5.88
CA ALA A 535 -0.68 27.27 -7.12
C ALA A 535 -0.44 28.67 -7.66
N ILE A 536 -0.43 29.67 -6.77
CA ILE A 536 -0.15 31.02 -7.26
C ILE A 536 1.26 31.11 -7.81
N ALA A 537 2.23 30.49 -7.14
CA ALA A 537 3.59 30.49 -7.68
C ALA A 537 3.65 29.76 -9.01
N GLY A 538 3.00 28.61 -9.10
CA GLY A 538 3.01 27.86 -10.34
C GLY A 538 2.37 28.61 -11.49
N ARG A 539 1.24 29.27 -11.24
CA ARG A 539 0.60 30.03 -12.29
C ARG A 539 1.43 31.23 -12.68
N ILE A 540 2.11 31.85 -11.71
CA ILE A 540 2.99 32.96 -12.10
C ILE A 540 4.07 32.45 -13.02
N VAL A 541 4.65 31.29 -12.70
CA VAL A 541 5.69 30.73 -13.57
C VAL A 541 5.11 30.34 -14.92
N GLY A 542 3.89 29.80 -14.95
CA GLY A 542 3.28 29.42 -16.21
C GLY A 542 3.02 30.62 -17.10
N ILE A 543 2.53 31.71 -16.52
CA ILE A 543 2.34 32.94 -17.27
C ILE A 543 3.67 33.49 -17.75
N ALA A 544 4.71 33.38 -16.92
CA ALA A 544 6.04 33.80 -17.35
C ALA A 544 6.50 32.98 -18.55
N VAL A 545 6.24 31.68 -18.54
CA VAL A 545 6.60 30.83 -19.66
C VAL A 545 5.82 31.23 -20.90
N GLU A 546 4.52 31.50 -20.75
CA GLU A 546 3.72 31.91 -21.88
C GLU A 546 4.29 33.16 -22.53
N GLN A 547 4.57 34.18 -21.70
CA GLN A 547 5.12 35.42 -22.26
C GLN A 547 6.49 35.20 -22.90
N LEU A 548 7.36 34.43 -22.23
CA LEU A 548 8.69 34.23 -22.78
C LEU A 548 8.64 33.49 -24.11
N ALA A 549 7.79 32.46 -24.20
CA ALA A 549 7.68 31.71 -25.45
C ALA A 549 7.04 32.56 -26.54
N TYR A 550 6.00 33.31 -26.21
CA TYR A 550 5.33 34.13 -27.22
C TYR A 550 6.28 35.20 -27.76
N TYR A 551 7.04 35.84 -26.89
CA TYR A 551 7.98 36.88 -27.33
C TYR A 551 9.29 36.33 -27.86
N HIS A 552 9.57 35.04 -27.64
CA HIS A 552 10.84 34.45 -28.03
C HIS A 552 10.67 33.04 -28.57
N HIS A 553 9.55 32.77 -29.27
CA HIS A 553 9.33 31.43 -29.78
C HIS A 553 10.41 31.01 -30.77
N ASP A 554 11.17 31.96 -31.31
CA ASP A 554 12.28 31.64 -32.19
C ASP A 554 13.38 30.86 -31.49
N TRP A 555 13.35 30.80 -30.16
CA TRP A 555 14.34 30.00 -29.43
C TRP A 555 14.21 28.54 -29.81
N PHE A 556 15.35 27.86 -29.93
CA PHE A 556 15.36 26.46 -30.32
C PHE A 556 14.67 25.58 -29.29
N ILE A 557 14.48 26.07 -28.08
CA ILE A 557 13.88 25.25 -27.03
C ILE A 557 12.44 24.92 -27.37
N PHE A 558 11.66 25.90 -27.82
CA PHE A 558 10.23 25.71 -28.01
C PHE A 558 9.87 25.24 -29.42
N LYS A 559 10.65 25.62 -30.42
CA LYS A 559 10.37 25.22 -31.79
C LYS A 559 10.38 23.70 -31.92
N ILE A 569 1.46 24.77 -23.87
CA ILE A 569 1.76 25.18 -22.50
C ILE A 569 0.49 25.58 -21.77
N THR A 570 0.09 24.76 -20.80
CA THR A 570 -1.12 24.99 -20.03
C THR A 570 -0.75 25.51 -18.65
N PRO A 571 -1.04 26.78 -18.32
CA PRO A 571 -0.69 27.26 -16.97
C PRO A 571 -1.40 26.51 -15.85
N GLY A 572 -2.52 25.87 -16.13
CA GLY A 572 -3.15 25.06 -15.11
C GLY A 572 -2.23 23.95 -14.61
N LEU A 573 -1.46 23.35 -15.51
CA LEU A 573 -0.51 22.33 -15.08
C LEU A 573 0.56 22.92 -14.17
N TYR A 574 1.02 24.13 -14.46
CA TYR A 574 1.97 24.76 -13.57
C TYR A 574 1.36 24.99 -12.20
N ALA A 575 0.09 25.38 -12.16
CA ALA A 575 -0.57 25.55 -10.87
C ALA A 575 -0.61 24.23 -10.10
N MET A 576 -0.93 23.14 -10.79
CA MET A 576 -0.95 21.84 -10.11
C MET A 576 0.44 21.48 -9.59
N VAL A 577 1.46 21.67 -10.41
CA VAL A 577 2.81 21.30 -10.01
C VAL A 577 3.25 22.13 -8.81
N GLY A 578 2.98 23.43 -8.84
CA GLY A 578 3.35 24.29 -7.74
C GLY A 578 2.62 23.93 -6.46
N ALA A 579 1.33 23.62 -6.57
CA ALA A 579 0.58 23.23 -5.37
C ALA A 579 1.16 21.96 -4.77
N ALA A 580 1.45 20.96 -5.60
CA ALA A 580 2.02 19.72 -5.07
C ALA A 580 3.40 19.95 -4.48
N ALA A 581 4.23 20.75 -5.14
CA ALA A 581 5.56 21.07 -4.62
C ALA A 581 5.47 21.72 -3.26
N CYS A 582 4.62 22.75 -3.13
CA CYS A 582 4.52 23.48 -1.88
C CYS A 582 3.84 22.68 -0.79
N LEU A 583 2.97 21.75 -1.14
CA LEU A 583 2.35 20.90 -0.13
C LEU A 583 3.26 19.80 0.36
N GLY A 584 4.19 19.33 -0.48
CA GLY A 584 5.11 18.31 -0.05
C GLY A 584 6.38 18.88 0.55
N GLY A 585 6.69 20.14 0.25
CA GLY A 585 7.84 20.76 0.84
C GLY A 585 7.64 21.17 2.27
N VAL A 586 6.39 21.28 2.72
CA VAL A 586 6.08 21.58 4.11
C VAL A 586 6.00 20.28 4.88
N THR A 587 5.02 19.46 4.52
CA THR A 587 4.73 18.23 5.26
C THR A 587 5.77 17.14 5.04
N ARG A 588 6.69 17.34 4.11
CA ARG A 588 7.72 16.35 3.80
C ARG A 588 7.09 14.99 3.51
N MET A 589 6.30 14.97 2.45
CA MET A 589 5.72 13.75 1.91
C MET A 589 6.05 13.67 0.43
N THR A 590 6.26 12.47 -0.08
CA THR A 590 6.77 12.26 -1.43
C THR A 590 5.75 11.62 -2.35
N VAL A 591 5.28 10.42 -2.00
CA VAL A 591 4.49 9.61 -2.94
C VAL A 591 3.03 9.75 -2.60
N SER A 592 2.67 9.69 -1.32
CA SER A 592 1.28 9.86 -0.95
C SER A 592 0.73 11.11 -1.59
N LEU A 593 1.54 12.17 -1.56
CA LEU A 593 1.10 13.45 -2.09
C LEU A 593 0.90 13.40 -3.60
N VAL A 594 1.84 12.78 -4.31
CA VAL A 594 1.73 12.66 -5.76
C VAL A 594 0.50 11.83 -6.13
N VAL A 595 0.22 10.79 -5.35
CA VAL A 595 -0.93 9.94 -5.60
C VAL A 595 -2.22 10.72 -5.35
N ILE A 596 -2.23 11.54 -4.30
CA ILE A 596 -3.39 12.38 -4.03
C ILE A 596 -3.65 13.31 -5.21
N VAL A 597 -2.58 13.92 -5.73
CA VAL A 597 -2.76 14.79 -6.89
C VAL A 597 -3.25 14.00 -8.10
N PHE A 598 -2.66 12.83 -8.35
CA PHE A 598 -3.07 12.03 -9.49
C PHE A 598 -4.55 11.71 -9.43
N GLU A 599 -5.03 11.30 -8.25
CA GLU A 599 -6.47 11.08 -8.10
C GLU A 599 -7.24 12.38 -7.97
N LEU A 600 -6.59 13.49 -7.66
CA LEU A 600 -7.30 14.76 -7.61
C LEU A 600 -7.79 15.18 -8.99
N THR A 601 -7.15 14.70 -10.05
CA THR A 601 -7.60 14.93 -11.42
C THR A 601 -7.80 13.63 -12.19
N GLY A 602 -6.93 12.65 -11.99
CA GLY A 602 -7.03 11.37 -12.65
C GLY A 602 -6.14 11.22 -13.87
N GLY A 603 -5.55 12.32 -14.35
CA GLY A 603 -4.72 12.25 -15.54
C GLY A 603 -3.36 11.65 -15.23
N LEU A 604 -2.97 10.65 -16.01
CA LEU A 604 -1.67 10.01 -15.86
C LEU A 604 -0.54 10.79 -16.51
N GLU A 605 -0.86 11.76 -17.38
CA GLU A 605 0.20 12.49 -18.07
C GLU A 605 0.96 13.44 -17.16
N TYR A 606 0.45 13.72 -15.96
CA TYR A 606 1.05 14.68 -15.06
C TYR A 606 1.81 14.01 -13.91
N ILE A 607 2.09 12.71 -14.01
CA ILE A 607 2.84 12.03 -12.96
C ILE A 607 4.30 12.44 -12.99
N VAL A 608 4.89 12.60 -14.16
CA VAL A 608 6.30 12.96 -14.22
C VAL A 608 6.49 14.36 -13.65
N PRO A 609 5.73 15.37 -14.09
CA PRO A 609 5.88 16.70 -13.48
C PRO A 609 5.67 16.70 -11.98
N LEU A 610 4.57 16.11 -11.51
CA LEU A 610 4.27 16.13 -10.08
C LEU A 610 5.33 15.40 -9.28
N MET A 611 5.73 14.23 -9.75
CA MET A 611 6.76 13.46 -9.04
C MET A 611 8.06 14.25 -8.99
N ALA A 612 8.46 14.85 -10.11
CA ALA A 612 9.70 15.61 -10.14
C ALA A 612 9.63 16.78 -9.17
N ALA A 613 8.53 17.54 -9.19
CA ALA A 613 8.43 18.71 -8.34
C ALA A 613 8.35 18.34 -6.87
N VAL A 614 7.54 17.33 -6.53
CA VAL A 614 7.42 16.92 -5.13
C VAL A 614 8.75 16.39 -4.60
N MET A 615 9.44 15.56 -5.38
CA MET A 615 10.72 15.05 -4.93
C MET A 615 11.72 16.17 -4.76
N THR A 616 11.79 17.09 -5.72
CA THR A 616 12.73 18.20 -5.57
C THR A 616 12.37 19.03 -4.35
N SER A 617 11.08 19.23 -4.12
CA SER A 617 10.64 20.01 -2.97
C SER A 617 11.10 19.37 -1.68
N LYS A 618 10.94 18.05 -1.55
CA LYS A 618 11.38 17.38 -0.34
C LYS A 618 12.90 17.42 -0.20
N TRP A 619 13.62 17.20 -1.29
CA TRP A 619 15.08 17.22 -1.19
C TRP A 619 15.56 18.59 -0.75
N VAL A 620 14.96 19.66 -1.28
CA VAL A 620 15.38 21.01 -0.93
C VAL A 620 14.92 21.36 0.49
N GLY A 621 13.74 20.89 0.89
CA GLY A 621 13.25 21.19 2.21
C GLY A 621 13.95 20.42 3.31
N ASP A 622 14.51 19.26 3.00
CA ASP A 622 15.27 18.49 3.98
C ASP A 622 16.63 19.10 4.25
N ALA A 623 17.17 19.88 3.31
CA ALA A 623 18.44 20.54 3.53
C ALA A 623 18.38 21.55 4.66
N PHE A 624 17.19 21.93 5.12
CA PHE A 624 17.03 22.88 6.21
C PHE A 624 16.38 22.22 7.42
N GLY A 625 16.53 20.91 7.57
CA GLY A 625 15.95 20.21 8.69
C GLY A 625 15.04 19.10 8.26
N ARG A 626 15.31 17.87 8.69
CA ARG A 626 14.61 16.72 8.14
C ARG A 626 13.16 16.68 8.59
N GLU A 627 12.88 17.09 9.81
CA GLU A 627 11.54 16.95 10.37
C GLU A 627 10.55 17.87 9.66
N GLY A 628 9.35 17.36 9.42
CA GLY A 628 8.32 18.11 8.73
C GLY A 628 7.62 19.10 9.63
N ILE A 629 6.52 19.65 9.12
CA ILE A 629 5.75 20.60 9.93
C ILE A 629 4.98 19.87 11.02
N TYR A 630 4.50 18.66 10.74
CA TYR A 630 3.68 17.96 11.72
C TYR A 630 4.52 17.18 12.73
N GLU A 631 5.81 17.10 12.55
CA GLU A 631 6.64 16.48 13.56
C GLU A 631 7.43 17.57 14.21
N ALA A 632 7.76 18.63 13.51
CA ALA A 632 8.42 19.75 14.16
C ALA A 632 7.50 20.48 15.11
N HIS A 633 6.19 20.22 15.05
CA HIS A 633 5.25 20.73 16.02
C HIS A 633 4.98 19.76 17.16
N ILE A 634 5.55 18.55 17.09
CA ILE A 634 5.60 17.69 18.27
C ILE A 634 6.83 18.00 19.09
N ARG A 635 7.98 18.15 18.44
CA ARG A 635 9.20 18.49 19.15
C ARG A 635 9.11 19.85 19.81
N LEU A 636 8.14 20.67 19.42
CA LEU A 636 7.85 21.93 20.09
C LEU A 636 6.94 21.75 21.29
N ASN A 637 5.85 21.01 21.13
CA ASN A 637 5.00 20.67 22.27
C ASN A 637 5.63 19.64 23.19
N GLY A 638 6.75 19.05 22.77
CA GLY A 638 7.45 18.10 23.62
C GLY A 638 6.64 16.87 23.95
N TYR A 639 5.94 16.33 22.98
CA TYR A 639 5.25 15.08 23.24
C TYR A 639 6.24 13.92 23.21
N PRO A 640 5.95 12.82 23.91
CA PRO A 640 6.83 11.65 23.88
C PRO A 640 6.60 10.78 22.65
N PHE A 641 6.99 11.32 21.51
CA PHE A 641 6.84 10.65 20.23
C PHE A 641 8.19 10.10 19.82
N LEU A 642 8.29 8.77 19.72
CA LEU A 642 9.55 8.11 19.38
C LEU A 642 9.66 8.02 17.86
N ASP A 643 10.55 8.81 17.28
CA ASP A 643 10.63 8.92 15.83
C ASP A 643 11.06 7.60 15.21
N ALA A 644 10.40 7.23 14.13
CA ALA A 644 10.73 6.01 13.40
C ALA A 644 11.38 6.33 12.07
N THR A 651 27.35 6.76 19.36
CA THR A 651 27.50 5.45 19.96
C THR A 651 27.38 5.55 21.48
N THR A 652 26.35 4.92 22.03
CA THR A 652 26.11 4.99 23.46
C THR A 652 25.51 3.67 23.93
N LEU A 653 25.62 3.42 25.23
CA LEU A 653 25.13 2.21 25.86
C LEU A 653 23.87 2.52 26.68
N ALA A 654 23.27 1.48 27.26
CA ALA A 654 22.17 1.69 28.17
C ALA A 654 22.60 2.35 29.47
N ALA A 655 23.90 2.39 29.75
CA ALA A 655 24.38 3.09 30.94
C ALA A 655 24.19 4.59 30.81
N ASP A 656 24.32 5.13 29.59
CA ASP A 656 24.28 6.57 29.41
C ASP A 656 22.88 7.13 29.52
N VAL A 657 21.84 6.29 29.39
CA VAL A 657 20.48 6.79 29.33
C VAL A 657 19.61 6.05 30.35
N MET A 658 20.21 5.67 31.47
CA MET A 658 19.51 4.93 32.51
C MET A 658 19.46 5.75 33.80
N ARG A 659 18.25 5.84 34.37
CA ARG A 659 18.02 6.48 35.67
C ARG A 659 17.92 5.42 36.76
N PRO A 660 18.65 5.52 37.87
CA PRO A 660 19.50 6.64 38.30
C PRO A 660 20.86 6.71 37.59
N ARG A 661 21.43 7.91 37.57
CA ARG A 661 22.76 8.13 37.02
C ARG A 661 23.82 7.62 37.99
N SER A 753 -1.03 -9.97 42.02
CA SER A 753 -1.94 -10.01 40.87
C SER A 753 -1.65 -8.85 39.91
N ILE A 754 -1.03 -7.78 40.43
CA ILE A 754 -0.67 -6.64 39.60
C ILE A 754 0.82 -6.59 39.30
N LEU A 755 1.63 -7.40 39.95
CA LEU A 755 3.06 -7.41 39.69
C LEU A 755 3.32 -7.81 38.24
N ASP A 756 3.92 -6.91 37.47
CA ASP A 756 4.30 -7.22 36.10
C ASP A 756 5.42 -8.25 36.16
N MET A 757 5.09 -9.50 35.84
CA MET A 757 6.01 -10.62 35.94
C MET A 757 6.81 -10.85 34.67
N SER A 758 6.65 -10.00 33.65
CA SER A 758 7.39 -10.12 32.39
C SER A 758 7.96 -8.77 31.99
N PRO A 759 8.89 -8.22 32.79
CA PRO A 759 9.53 -6.96 32.42
C PRO A 759 10.71 -7.22 31.50
N PHE A 760 10.69 -6.61 30.32
CA PHE A 760 11.74 -6.88 29.34
C PHE A 760 13.01 -6.16 29.77
N THR A 761 14.12 -6.88 29.83
CA THR A 761 15.37 -6.38 30.39
C THR A 761 16.46 -6.32 29.32
N VAL A 762 17.36 -5.37 29.48
CA VAL A 762 18.51 -5.21 28.59
C VAL A 762 19.76 -5.06 29.45
N THR A 763 20.81 -5.79 29.11
CA THR A 763 22.06 -5.71 29.85
C THR A 763 22.69 -4.33 29.67
N ASP A 764 23.44 -3.89 30.69
CA ASP A 764 24.03 -2.56 30.68
C ASP A 764 25.01 -2.38 29.52
N HIS A 765 25.57 -3.47 29.01
CA HIS A 765 26.56 -3.40 27.95
C HIS A 765 25.93 -3.38 26.55
N THR A 766 24.60 -3.33 26.48
CA THR A 766 23.90 -3.31 25.21
C THR A 766 24.03 -1.94 24.55
N PRO A 767 24.20 -1.88 23.23
CA PRO A 767 24.18 -0.58 22.55
C PRO A 767 22.85 0.12 22.78
N MET A 768 22.91 1.45 22.88
CA MET A 768 21.69 2.24 23.04
C MET A 768 20.78 2.08 21.83
N GLU A 769 21.35 2.11 20.63
CA GLU A 769 20.51 2.03 19.43
C GLU A 769 19.65 0.77 19.47
N ILE A 770 20.16 -0.31 20.04
CA ILE A 770 19.38 -1.54 20.09
C ILE A 770 18.19 -1.38 21.04
N VAL A 771 18.37 -0.66 22.15
CA VAL A 771 17.26 -0.43 23.07
C VAL A 771 16.23 0.50 22.42
N VAL A 772 16.70 1.51 21.69
CA VAL A 772 15.76 2.37 20.97
C VAL A 772 14.97 1.55 19.97
N ASP A 773 15.63 0.67 19.24
CA ASP A 773 14.96 -0.18 18.28
C ASP A 773 13.95 -1.11 18.96
N ILE A 774 14.31 -1.63 20.14
CA ILE A 774 13.39 -2.48 20.89
C ILE A 774 12.14 -1.70 21.25
N PHE A 775 12.31 -0.50 21.80
CA PHE A 775 11.16 0.32 22.14
C PHE A 775 10.32 0.61 20.90
N ARG A 776 10.96 0.93 19.78
CA ARG A 776 10.22 1.30 18.58
C ARG A 776 9.40 0.13 18.05
N LYS A 777 10.04 -1.03 17.87
CA LYS A 777 9.36 -2.16 17.26
C LYS A 777 8.35 -2.78 18.21
N LEU A 778 8.65 -2.78 19.51
CA LEU A 778 7.78 -3.38 20.50
C LEU A 778 6.94 -2.37 21.25
N GLY A 779 7.34 -1.11 21.29
CA GLY A 779 6.57 -0.09 21.96
C GLY A 779 6.50 -0.27 23.46
N LEU A 780 7.63 -0.57 24.07
CA LEU A 780 7.69 -0.74 25.52
C LEU A 780 7.68 0.61 26.21
N ARG A 781 7.09 0.64 27.41
CA ARG A 781 7.02 1.86 28.20
C ARG A 781 8.20 2.00 29.13
N GLN A 782 8.61 0.93 29.81
CA GLN A 782 9.76 0.97 30.68
C GLN A 782 10.43 -0.39 30.71
N CYS A 783 11.74 -0.39 30.55
CA CYS A 783 12.53 -1.62 30.53
C CYS A 783 13.64 -1.54 31.57
N LEU A 784 13.73 -2.58 32.40
CA LEU A 784 14.80 -2.66 33.37
C LEU A 784 16.14 -2.81 32.67
N VAL A 785 17.21 -2.39 33.33
CA VAL A 785 18.58 -2.61 32.87
C VAL A 785 19.36 -3.23 34.02
N THR A 786 19.84 -4.44 33.81
CA THR A 786 20.48 -5.24 34.84
C THR A 786 21.94 -5.46 34.49
N HIS A 787 22.74 -5.67 35.52
CA HIS A 787 24.13 -6.07 35.37
C HIS A 787 24.30 -7.43 36.03
N ASN A 788 24.52 -8.46 35.21
CA ASN A 788 24.63 -9.82 35.70
C ASN A 788 23.36 -10.21 36.47
N GLY A 789 22.22 -9.81 35.95
CA GLY A 789 20.95 -10.11 36.59
C GLY A 789 20.76 -9.43 37.92
N ARG A 790 21.12 -8.15 38.01
CA ARG A 790 20.95 -7.36 39.22
C ARG A 790 20.01 -6.20 38.92
N LEU A 791 19.06 -5.96 39.82
CA LEU A 791 18.08 -4.90 39.60
C LEU A 791 18.77 -3.55 39.72
N LEU A 792 19.34 -3.06 38.61
CA LEU A 792 20.31 -1.97 38.66
C LEU A 792 19.70 -0.64 38.27
N GLY A 793 19.00 -0.56 37.13
CA GLY A 793 18.41 0.69 36.70
C GLY A 793 17.19 0.47 35.83
N ILE A 794 16.62 1.59 35.37
CA ILE A 794 15.43 1.57 34.53
C ILE A 794 15.64 2.52 33.37
N ILE A 795 14.95 2.27 32.26
CA ILE A 795 14.85 3.19 31.15
C ILE A 795 13.39 3.34 30.78
N THR A 796 12.96 4.56 30.49
CA THR A 796 11.60 4.84 30.06
C THR A 796 11.64 5.69 28.81
N LYS A 797 10.54 5.70 28.06
CA LYS A 797 10.50 6.51 26.85
C LYS A 797 10.93 7.93 27.15
N LYS A 798 10.55 8.46 28.32
CA LYS A 798 10.96 9.80 28.69
C LYS A 798 12.47 9.91 28.72
N ASP A 799 13.16 8.89 29.25
CA ASP A 799 14.62 8.93 29.28
C ASP A 799 15.23 8.92 27.90
N ILE A 800 14.72 8.07 27.01
CA ILE A 800 15.23 8.02 25.64
C ILE A 800 15.05 9.38 24.98
N LEU A 801 13.86 9.98 25.16
CA LEU A 801 13.59 11.26 24.54
C LEU A 801 14.48 12.36 25.12
N ARG A 802 14.66 12.37 26.43
CA ARG A 802 15.55 13.34 27.05
C ARG A 802 16.96 13.21 26.49
N HIS A 803 17.41 11.97 26.29
CA HIS A 803 18.70 11.77 25.64
C HIS A 803 18.68 12.35 24.22
N MET A 804 17.57 12.15 23.51
CA MET A 804 17.44 12.73 22.18
C MET A 804 17.47 14.25 22.24
N ALA A 805 16.83 14.82 23.24
CA ALA A 805 16.86 16.26 23.45
C ALA A 805 18.07 16.65 24.28
N TYR B 85 26.47 -17.61 8.91
CA TYR B 85 25.46 -18.66 8.89
C TYR B 85 25.82 -19.72 7.86
N ASP B 86 25.63 -20.99 8.23
CA ASP B 86 25.77 -22.07 7.27
C ASP B 86 24.46 -22.22 6.50
N ASP B 87 24.48 -23.07 5.48
CA ASP B 87 23.27 -23.28 4.69
C ASP B 87 22.15 -23.79 5.57
N PHE B 88 20.92 -23.44 5.19
CA PHE B 88 19.72 -23.91 5.88
C PHE B 88 19.72 -23.49 7.35
N HIS B 89 20.18 -22.27 7.62
CA HIS B 89 20.09 -21.68 8.95
C HIS B 89 19.39 -20.34 8.86
N THR B 90 18.50 -20.09 9.81
CA THR B 90 17.78 -18.84 9.84
C THR B 90 18.67 -17.75 10.43
N ILE B 91 18.39 -16.50 10.07
CA ILE B 91 19.28 -15.39 10.37
C ILE B 91 18.87 -14.70 11.66
N ASP B 92 19.88 -14.16 12.35
CA ASP B 92 19.68 -13.31 13.53
C ASP B 92 19.48 -11.89 13.04
N TRP B 93 18.22 -11.45 13.01
CA TRP B 93 17.89 -10.17 12.39
C TRP B 93 18.57 -9.00 13.10
N VAL B 94 18.68 -9.08 14.43
CA VAL B 94 19.24 -7.98 15.20
C VAL B 94 20.68 -7.71 14.77
N ARG B 95 21.47 -8.78 14.61
CA ARG B 95 22.86 -8.58 14.19
C ARG B 95 22.93 -8.01 12.77
N GLU B 96 21.99 -8.39 11.91
CA GLU B 96 21.93 -7.76 10.59
C GLU B 96 21.76 -6.26 10.72
N LYS B 97 20.82 -5.84 11.58
CA LYS B 97 20.63 -4.40 11.80
C LYS B 97 21.89 -3.76 12.35
N CYS B 98 22.54 -4.43 13.30
CA CYS B 98 23.72 -3.84 13.94
C CYS B 98 24.83 -3.64 12.92
N LYS B 99 25.08 -4.62 12.06
CA LYS B 99 26.15 -4.46 11.07
C LYS B 99 25.76 -3.42 10.03
N ASP B 100 24.48 -3.34 9.67
CA ASP B 100 24.03 -2.28 8.77
C ASP B 100 24.34 -0.91 9.35
N ARG B 101 24.01 -0.71 10.63
CA ARG B 101 24.25 0.58 11.26
C ARG B 101 25.74 0.84 11.42
N GLU B 102 26.54 -0.20 11.66
CA GLU B 102 27.98 0.00 11.72
C GLU B 102 28.53 0.48 10.38
N ARG B 103 28.04 -0.11 9.28
CA ARG B 103 28.45 0.39 7.96
C ARG B 103 27.98 1.81 7.73
N HIS B 104 26.77 2.15 8.21
CA HIS B 104 26.33 3.53 8.12
C HIS B 104 27.28 4.46 8.86
N ARG B 105 27.69 4.07 10.07
CA ARG B 105 28.60 4.91 10.85
C ARG B 105 29.93 5.06 10.11
N ARG B 106 30.46 3.96 9.58
CA ARG B 106 31.74 4.04 8.87
C ARG B 106 31.65 4.97 7.67
N ILE B 107 30.59 4.83 6.88
CA ILE B 107 30.45 5.66 5.68
C ILE B 107 30.28 7.12 6.07
N ASN B 108 29.42 7.39 7.05
CA ASN B 108 29.13 8.76 7.46
C ASN B 108 30.32 9.42 8.15
N SER B 109 31.25 8.64 8.71
CA SER B 109 32.43 9.24 9.31
C SER B 109 33.23 10.01 8.27
N LYS B 110 33.40 9.44 7.09
CA LYS B 110 34.12 10.09 6.01
C LYS B 110 33.21 10.83 5.03
N LYS B 111 31.89 10.74 5.21
CA LYS B 111 30.97 11.31 4.23
C LYS B 111 31.21 12.81 4.04
N LYS B 112 31.36 13.54 5.14
CA LYS B 112 31.43 15.00 5.06
C LYS B 112 32.82 15.50 4.67
N GLU B 113 33.84 14.65 4.69
CA GLU B 113 35.21 15.11 4.48
C GLU B 113 35.38 15.73 3.10
N SER B 114 35.20 14.94 2.06
CA SER B 114 35.45 15.38 0.69
C SER B 114 34.23 15.15 -0.18
N ALA B 115 34.15 15.91 -1.27
CA ALA B 115 33.01 15.82 -2.17
C ALA B 115 32.82 14.40 -2.68
N TRP B 116 33.93 13.68 -2.91
CA TRP B 116 33.84 12.30 -3.37
C TRP B 116 33.09 11.43 -2.38
N GLU B 117 33.20 11.73 -1.08
CA GLU B 117 32.52 10.92 -0.07
C GLU B 117 31.02 11.18 -0.06
N MET B 118 30.60 12.44 -0.20
CA MET B 118 29.18 12.73 -0.35
C MET B 118 28.63 12.09 -1.63
N THR B 119 29.43 12.13 -2.69
CA THR B 119 29.02 11.44 -3.92
C THR B 119 28.86 9.95 -3.69
N LYS B 120 29.75 9.35 -2.89
CA LYS B 120 29.64 7.94 -2.58
C LYS B 120 28.39 7.65 -1.74
N SER B 121 28.03 8.56 -0.83
CA SER B 121 26.83 8.34 -0.02
C SER B 121 25.57 8.39 -0.89
N LEU B 122 25.44 9.45 -1.70
CA LEU B 122 24.33 9.50 -2.65
C LEU B 122 24.36 8.29 -3.56
N TYR B 123 25.57 7.82 -3.89
CA TYR B 123 25.73 6.64 -4.73
C TYR B 123 25.18 5.41 -4.04
N ASP B 124 25.34 5.31 -2.72
CA ASP B 124 24.83 4.15 -1.99
C ASP B 124 23.30 4.16 -1.97
N ALA B 125 22.70 5.32 -1.67
CA ALA B 125 21.24 5.39 -1.71
C ALA B 125 20.72 5.06 -3.10
N TRP B 126 21.25 5.73 -4.11
CA TRP B 126 20.86 5.41 -5.46
C TRP B 126 21.29 4.02 -5.88
N SER B 127 22.21 3.37 -5.16
CA SER B 127 22.54 1.99 -5.45
C SER B 127 21.43 1.07 -5.03
N GLY B 128 20.85 1.32 -3.87
CA GLY B 128 19.61 0.63 -3.55
C GLY B 128 18.56 0.83 -4.63
N TRP B 129 18.45 2.06 -5.11
CA TRP B 129 17.45 2.33 -6.15
C TRP B 129 17.79 1.66 -7.49
N LEU B 130 19.07 1.62 -7.89
CA LEU B 130 19.40 0.89 -9.11
C LEU B 130 19.26 -0.61 -8.94
N VAL B 131 19.42 -1.15 -7.73
CA VAL B 131 19.11 -2.56 -7.54
C VAL B 131 17.64 -2.82 -7.82
N VAL B 132 16.77 -1.97 -7.27
CA VAL B 132 15.35 -2.11 -7.56
C VAL B 132 15.10 -2.02 -9.07
N THR B 133 15.72 -1.03 -9.72
CA THR B 133 15.47 -0.81 -11.14
C THR B 133 16.01 -1.95 -12.00
N LEU B 134 17.22 -2.42 -11.72
CA LEU B 134 17.80 -3.49 -12.51
C LEU B 134 17.00 -4.77 -12.34
N THR B 135 16.56 -5.04 -11.11
CA THR B 135 15.65 -6.16 -10.92
C THR B 135 14.41 -6.01 -11.79
N GLY B 136 13.81 -4.82 -11.80
CA GLY B 136 12.62 -4.63 -12.62
C GLY B 136 12.89 -4.85 -14.10
N LEU B 137 13.99 -4.30 -14.60
CA LEU B 137 14.31 -4.43 -16.02
C LEU B 137 14.54 -5.88 -16.38
N ALA B 138 15.38 -6.58 -15.61
CA ALA B 138 15.69 -7.97 -15.94
C ALA B 138 14.46 -8.84 -15.82
N SER B 139 13.63 -8.62 -14.81
CA SER B 139 12.40 -9.38 -14.69
C SER B 139 11.48 -9.14 -15.87
N GLY B 140 11.35 -7.90 -16.31
CA GLY B 140 10.51 -7.64 -17.46
C GLY B 140 11.04 -8.30 -18.72
N ALA B 141 12.35 -8.20 -18.94
CA ALA B 141 12.94 -8.80 -20.13
C ALA B 141 12.80 -10.31 -20.12
N LEU B 142 13.05 -10.94 -18.97
CA LEU B 142 12.92 -12.40 -18.88
C LEU B 142 11.48 -12.84 -19.00
N ALA B 143 10.54 -12.10 -18.43
CA ALA B 143 9.14 -12.44 -18.61
C ALA B 143 8.74 -12.36 -20.07
N GLY B 144 9.16 -11.29 -20.76
CA GLY B 144 8.85 -11.17 -22.17
C GLY B 144 9.48 -12.27 -23.00
N LEU B 145 10.76 -12.55 -22.75
CA LEU B 145 11.45 -13.59 -23.51
C LEU B 145 10.82 -14.97 -23.27
N ILE B 146 10.48 -15.27 -22.01
CA ILE B 146 9.81 -16.53 -21.71
C ILE B 146 8.48 -16.58 -22.43
N ASP B 147 7.74 -15.47 -22.44
CA ASP B 147 6.44 -15.49 -23.09
C ASP B 147 6.59 -15.79 -24.58
N ILE B 148 7.56 -15.13 -25.21
CA ILE B 148 7.77 -15.32 -26.65
C ILE B 148 8.16 -16.75 -26.96
N ALA B 149 9.17 -17.27 -26.25
CA ALA B 149 9.64 -18.62 -26.56
C ALA B 149 8.60 -19.67 -26.20
N ALA B 150 7.89 -19.47 -25.10
CA ALA B 150 6.84 -20.41 -24.72
C ALA B 150 5.76 -20.46 -25.78
N ASP B 151 5.33 -19.31 -26.28
CA ASP B 151 4.31 -19.29 -27.33
C ASP B 151 4.82 -19.98 -28.58
N TRP B 152 6.05 -19.67 -28.99
CA TRP B 152 6.55 -20.27 -30.22
C TRP B 152 6.62 -21.78 -30.11
N MET B 153 7.12 -22.30 -28.99
CA MET B 153 7.25 -23.75 -28.85
C MET B 153 5.90 -24.41 -28.66
N THR B 154 5.00 -23.78 -27.93
CA THR B 154 3.66 -24.34 -27.77
C THR B 154 2.97 -24.50 -29.11
N ASP B 155 3.19 -23.56 -30.04
CA ASP B 155 2.66 -23.71 -31.38
C ASP B 155 3.49 -24.67 -32.23
N LEU B 156 4.80 -24.76 -31.98
CA LEU B 156 5.61 -25.76 -32.65
C LEU B 156 5.15 -27.17 -32.34
N LYS B 157 4.47 -27.36 -31.21
CA LYS B 157 3.95 -28.69 -30.90
C LYS B 157 3.16 -29.27 -32.05
N GLU B 158 2.41 -28.42 -32.76
CA GLU B 158 1.39 -28.88 -33.71
C GLU B 158 1.48 -28.11 -35.02
N GLY B 159 2.66 -28.07 -35.63
CA GLY B 159 2.81 -27.60 -36.98
C GLY B 159 4.05 -26.77 -37.16
N ILE B 160 4.14 -26.12 -38.31
CA ILE B 160 5.24 -25.22 -38.61
C ILE B 160 4.86 -24.39 -39.82
N CYS B 161 5.16 -23.10 -39.76
CA CYS B 161 4.81 -22.17 -40.84
C CYS B 161 6.01 -22.05 -41.77
N LEU B 162 5.90 -22.65 -42.95
CA LEU B 162 7.07 -22.81 -43.80
C LEU B 162 7.66 -21.46 -44.23
N SER B 163 6.83 -20.42 -44.32
CA SER B 163 7.33 -19.12 -44.75
C SER B 163 8.48 -18.67 -43.86
N ALA B 164 8.20 -18.41 -42.59
CA ALA B 164 9.21 -18.07 -41.61
C ALA B 164 9.19 -19.12 -40.49
N LEU B 165 10.37 -19.64 -40.16
CA LEU B 165 10.53 -20.62 -39.11
C LEU B 165 10.74 -19.98 -37.75
N TRP B 166 10.28 -18.74 -37.56
CA TRP B 166 10.35 -18.09 -36.25
C TRP B 166 9.04 -17.39 -35.92
N TYR B 167 7.95 -17.82 -36.54
CA TYR B 167 6.62 -17.35 -36.22
C TYR B 167 5.81 -18.51 -35.68
N ASN B 168 4.83 -18.21 -34.84
CA ASN B 168 3.94 -19.23 -34.31
C ASN B 168 2.72 -19.36 -35.21
N HIS B 169 1.73 -20.12 -34.76
CA HIS B 169 0.53 -20.33 -35.57
C HIS B 169 -0.25 -19.04 -35.76
N GLU B 170 -0.32 -18.20 -34.74
CA GLU B 170 -1.11 -16.97 -34.78
C GLU B 170 -0.27 -15.76 -35.17
N GLN B 171 0.91 -15.96 -35.73
CA GLN B 171 1.80 -14.87 -36.08
C GLN B 171 2.14 -14.78 -37.56
N CYS B 172 2.27 -15.91 -38.26
CA CYS B 172 2.51 -15.86 -39.70
C CYS B 172 1.21 -15.75 -40.49
N CYS B 173 0.06 -15.89 -39.83
CA CYS B 173 -1.21 -15.56 -40.46
C CYS B 173 -1.50 -14.07 -40.40
N TRP B 174 -0.71 -13.31 -39.65
CA TRP B 174 -0.93 -11.89 -39.46
C TRP B 174 -0.54 -11.10 -40.71
N PRO B 188 -2.71 -21.76 -46.02
CA PRO B 188 -1.62 -22.19 -46.90
C PRO B 188 -0.25 -21.86 -46.32
N GLN B 189 -0.16 -20.70 -45.67
CA GLN B 189 1.09 -20.31 -45.01
C GLN B 189 1.45 -21.29 -43.90
N TRP B 190 0.46 -21.78 -43.16
CA TRP B 190 0.66 -22.67 -42.03
C TRP B 190 0.41 -24.10 -42.46
N LYS B 191 1.38 -24.98 -42.27
CA LYS B 191 1.27 -26.38 -42.62
C LYS B 191 1.57 -27.23 -41.38
N THR B 192 0.55 -27.92 -40.88
CA THR B 192 0.77 -28.83 -39.76
C THR B 192 1.63 -30.01 -40.21
N TRP B 193 2.09 -30.79 -39.22
CA TRP B 193 3.00 -31.89 -39.50
C TRP B 193 2.40 -32.89 -40.48
N ALA B 194 1.07 -33.07 -40.45
CA ALA B 194 0.47 -34.08 -41.31
C ALA B 194 0.71 -33.79 -42.78
N GLU B 195 0.38 -32.57 -43.23
CA GLU B 195 0.61 -32.23 -44.62
C GLU B 195 2.08 -31.93 -44.90
N LEU B 196 2.86 -31.72 -43.85
CA LEU B 196 4.31 -31.63 -44.05
C LEU B 196 4.90 -32.99 -44.39
N ILE B 197 4.35 -34.07 -43.83
CA ILE B 197 4.85 -35.42 -44.04
C ILE B 197 3.91 -36.25 -44.92
N ILE B 198 2.67 -36.46 -44.44
CA ILE B 198 1.72 -37.22 -45.24
C ILE B 198 1.34 -36.46 -46.49
N GLY B 199 1.21 -35.14 -46.39
CA GLY B 199 0.90 -34.30 -47.51
C GLY B 199 -0.55 -33.84 -47.57
N GLN B 200 -1.44 -34.48 -46.83
CA GLN B 200 -2.86 -34.18 -46.86
C GLN B 200 -3.28 -33.51 -45.55
N ALA B 201 -4.46 -32.88 -45.59
CA ALA B 201 -4.92 -32.08 -44.46
C ALA B 201 -5.78 -32.90 -43.50
N GLU B 202 -6.90 -33.45 -43.99
CA GLU B 202 -7.86 -34.16 -43.15
C GLU B 202 -7.94 -35.62 -43.56
N GLY B 203 -8.30 -36.46 -42.61
CA GLY B 203 -8.40 -37.88 -42.81
C GLY B 203 -7.83 -38.64 -41.64
N PRO B 204 -8.21 -39.91 -41.49
CA PRO B 204 -7.71 -40.67 -40.33
C PRO B 204 -6.19 -40.68 -40.23
N GLY B 205 -5.51 -40.82 -41.36
CA GLY B 205 -4.05 -40.81 -41.32
C GLY B 205 -3.50 -39.48 -40.90
N SER B 206 -4.04 -38.39 -41.43
CA SER B 206 -3.58 -37.06 -41.04
C SER B 206 -3.82 -36.83 -39.55
N TYR B 207 -4.99 -37.22 -39.05
CA TYR B 207 -5.29 -37.02 -37.63
C TYR B 207 -4.36 -37.83 -36.75
N ILE B 208 -4.11 -39.09 -37.12
CA ILE B 208 -3.22 -39.92 -36.31
C ILE B 208 -1.81 -39.34 -36.32
N MET B 209 -1.36 -38.86 -37.48
CA MET B 209 -0.02 -38.30 -37.54
C MET B 209 0.07 -37.06 -36.67
N ASN B 210 -0.95 -36.21 -36.70
CA ASN B 210 -0.97 -35.02 -35.86
C ASN B 210 -0.96 -35.39 -34.38
N TYR B 211 -1.75 -36.38 -34.01
CA TYR B 211 -1.82 -36.83 -32.62
C TYR B 211 -0.47 -37.35 -32.14
N ILE B 212 0.16 -38.20 -32.95
CA ILE B 212 1.45 -38.75 -32.56
C ILE B 212 2.49 -37.65 -32.45
N MET B 213 2.49 -36.71 -33.40
CA MET B 213 3.47 -35.64 -33.34
C MET B 213 3.25 -34.78 -32.11
N TYR B 214 2.00 -34.49 -31.77
CA TYR B 214 1.72 -33.69 -30.58
C TYR B 214 2.21 -34.40 -29.32
N ILE B 215 1.91 -35.70 -29.19
CA ILE B 215 2.37 -36.45 -28.03
C ILE B 215 3.88 -36.46 -27.95
N PHE B 216 4.54 -36.71 -29.09
CA PHE B 216 5.99 -36.78 -29.09
C PHE B 216 6.61 -35.45 -28.71
N TRP B 217 6.06 -34.35 -29.19
CA TRP B 217 6.64 -33.05 -28.86
C TRP B 217 6.41 -32.70 -27.40
N ALA B 218 5.24 -33.03 -26.86
CA ALA B 218 5.04 -32.83 -25.43
C ALA B 218 6.05 -33.63 -24.63
N LEU B 219 6.25 -34.90 -25.00
CA LEU B 219 7.20 -35.75 -24.28
C LEU B 219 8.61 -35.19 -24.36
N SER B 220 9.03 -34.76 -25.55
CA SER B 220 10.39 -34.27 -25.71
C SER B 220 10.62 -32.99 -24.91
N PHE B 221 9.67 -32.06 -24.95
CA PHE B 221 9.84 -30.83 -24.19
C PHE B 221 9.86 -31.11 -22.69
N ALA B 222 8.95 -31.93 -22.19
CA ALA B 222 8.95 -32.24 -20.77
C ALA B 222 10.23 -32.96 -20.36
N PHE B 223 10.70 -33.88 -21.20
CA PHE B 223 11.91 -34.61 -20.87
C PHE B 223 13.11 -33.67 -20.81
N LEU B 224 13.21 -32.73 -21.75
CA LEU B 224 14.27 -31.74 -21.67
C LEU B 224 14.15 -30.90 -20.41
N ALA B 225 12.93 -30.49 -20.05
CA ALA B 225 12.76 -29.69 -18.84
C ALA B 225 13.30 -30.42 -17.63
N VAL B 226 12.84 -31.65 -17.41
CA VAL B 226 13.25 -32.37 -16.20
C VAL B 226 14.72 -32.71 -16.26
N SER B 227 15.22 -33.08 -17.43
CA SER B 227 16.64 -33.38 -17.56
C SER B 227 17.49 -32.20 -17.14
N LEU B 228 17.23 -31.03 -17.72
CA LEU B 228 18.05 -29.86 -17.40
C LEU B 228 17.94 -29.50 -15.94
N VAL B 229 16.71 -29.48 -15.40
CA VAL B 229 16.57 -29.07 -13.99
C VAL B 229 17.32 -30.03 -13.08
N LYS B 230 17.15 -31.35 -13.29
CA LYS B 230 17.79 -32.30 -12.40
C LYS B 230 19.31 -32.28 -12.54
N VAL B 231 19.81 -32.13 -13.77
CA VAL B 231 21.25 -32.28 -13.96
C VAL B 231 22.00 -31.00 -13.57
N PHE B 232 21.39 -29.83 -13.79
CA PHE B 232 22.11 -28.57 -13.66
C PHE B 232 21.68 -27.70 -12.49
N ALA B 233 20.39 -27.69 -12.16
CA ALA B 233 19.94 -26.82 -11.08
C ALA B 233 18.65 -27.35 -10.46
N PRO B 234 18.74 -28.32 -9.55
CA PRO B 234 17.51 -28.89 -8.96
C PRO B 234 16.69 -27.88 -8.20
N TYR B 235 17.25 -26.71 -7.87
CA TYR B 235 16.52 -25.65 -7.22
C TYR B 235 15.56 -24.92 -8.14
N ALA B 236 15.44 -25.36 -9.39
CA ALA B 236 14.56 -24.74 -10.36
C ALA B 236 13.18 -25.37 -10.43
N CYS B 237 12.92 -26.42 -9.65
CA CYS B 237 11.63 -27.08 -9.70
C CYS B 237 10.58 -26.27 -8.92
N GLY B 238 9.33 -26.65 -9.11
CA GLY B 238 8.25 -26.11 -8.32
C GLY B 238 7.99 -24.64 -8.55
N SER B 239 6.91 -24.13 -7.96
CA SER B 239 6.57 -22.72 -8.14
C SER B 239 7.70 -21.84 -7.63
N GLY B 240 8.23 -22.15 -6.46
CA GLY B 240 9.35 -21.42 -5.93
C GLY B 240 9.00 -20.27 -5.03
N ILE B 241 7.72 -20.03 -4.78
CA ILE B 241 7.30 -18.97 -3.87
C ILE B 241 7.43 -19.42 -2.41
N PRO B 242 7.15 -20.68 -2.06
CA PRO B 242 7.28 -21.07 -0.66
C PRO B 242 8.65 -20.81 -0.08
N GLU B 243 9.69 -21.28 -0.75
CA GLU B 243 11.04 -21.01 -0.26
C GLU B 243 11.37 -19.54 -0.32
N ILE B 244 10.73 -18.76 -1.19
CA ILE B 244 11.00 -17.33 -1.21
C ILE B 244 10.42 -16.67 0.03
N LYS B 245 9.23 -17.10 0.45
CA LYS B 245 8.63 -16.59 1.67
C LYS B 245 9.48 -16.98 2.86
N THR B 246 10.07 -18.20 2.87
CA THR B 246 10.99 -18.59 3.92
C THR B 246 12.29 -17.78 3.87
N ILE B 247 12.77 -17.47 2.66
CA ILE B 247 14.01 -16.71 2.54
C ILE B 247 13.81 -15.29 3.04
N LEU B 248 12.71 -14.66 2.66
CA LEU B 248 12.42 -13.32 3.16
C LEU B 248 12.17 -13.35 4.66
N SER B 249 11.82 -14.50 5.22
CA SER B 249 11.69 -14.68 6.66
C SER B 249 12.99 -15.13 7.31
N GLY B 250 14.13 -14.75 6.75
CA GLY B 250 15.40 -14.93 7.42
C GLY B 250 16.13 -16.24 7.13
N PHE B 251 15.70 -17.00 6.14
CA PHE B 251 16.29 -18.31 5.87
C PHE B 251 17.37 -18.23 4.79
N ILE B 252 18.29 -19.20 4.85
CA ILE B 252 19.40 -19.32 3.91
C ILE B 252 19.21 -20.61 3.14
N ILE B 253 19.18 -20.51 1.81
CA ILE B 253 19.14 -21.72 0.97
C ILE B 253 20.21 -21.57 -0.11
N ARG B 254 21.19 -20.72 0.14
CA ARG B 254 22.37 -20.57 -0.71
C ARG B 254 22.04 -20.47 -2.20
N GLY B 255 22.02 -21.59 -2.89
CA GLY B 255 21.88 -21.59 -4.33
C GLY B 255 20.46 -21.46 -4.82
N TYR B 256 19.52 -21.09 -3.95
CA TYR B 256 18.13 -21.02 -4.34
C TYR B 256 17.80 -19.81 -5.20
N LEU B 257 18.67 -18.83 -5.27
CA LEU B 257 18.38 -17.62 -6.02
C LEU B 257 19.60 -17.19 -6.80
N GLY B 258 20.28 -18.15 -7.42
CA GLY B 258 21.56 -17.91 -8.03
C GLY B 258 21.49 -17.80 -9.53
N LYS B 259 22.67 -17.86 -10.15
CA LYS B 259 22.75 -17.80 -11.59
C LYS B 259 22.24 -19.08 -12.23
N TRP B 260 22.64 -20.23 -11.70
CA TRP B 260 22.24 -21.50 -12.31
C TRP B 260 20.76 -21.75 -12.12
N THR B 261 20.22 -21.44 -10.94
CA THR B 261 18.79 -21.60 -10.75
C THR B 261 18.01 -20.71 -11.70
N LEU B 262 18.46 -19.47 -11.90
CA LEU B 262 17.76 -18.57 -12.81
C LEU B 262 17.82 -19.07 -14.24
N MET B 263 19.01 -19.41 -14.71
CA MET B 263 19.13 -19.87 -16.09
C MET B 263 18.27 -21.10 -16.34
N ILE B 264 18.38 -22.10 -15.47
CA ILE B 264 17.66 -23.34 -15.71
C ILE B 264 16.18 -23.14 -15.49
N LYS B 265 15.77 -22.28 -14.56
CA LYS B 265 14.35 -22.05 -14.41
C LYS B 265 13.79 -21.35 -15.63
N THR B 266 14.49 -20.39 -16.20
CA THR B 266 13.99 -19.76 -17.42
C THR B 266 13.86 -20.77 -18.56
N ILE B 267 14.95 -21.49 -18.85
CA ILE B 267 14.91 -22.43 -19.97
C ILE B 267 13.84 -23.49 -19.74
N THR B 268 13.86 -24.14 -18.59
CA THR B 268 12.93 -25.23 -18.33
C THR B 268 11.53 -24.74 -18.08
N LEU B 269 11.34 -23.45 -17.79
CA LEU B 269 10.00 -22.91 -17.67
C LEU B 269 9.40 -22.69 -19.05
N VAL B 270 10.22 -22.22 -20.00
CA VAL B 270 9.79 -22.21 -21.40
C VAL B 270 9.44 -23.62 -21.86
N LEU B 271 10.33 -24.58 -21.58
CA LEU B 271 10.11 -25.96 -22.06
C LEU B 271 8.92 -26.61 -21.38
N ALA B 272 8.73 -26.36 -20.10
CA ALA B 272 7.61 -26.96 -19.38
C ALA B 272 6.29 -26.30 -19.73
N VAL B 273 6.30 -25.01 -20.10
CA VAL B 273 5.08 -24.38 -20.60
C VAL B 273 4.75 -24.92 -21.98
N ALA B 274 5.75 -25.07 -22.84
CA ALA B 274 5.52 -25.56 -24.18
C ALA B 274 5.31 -27.07 -24.25
N SER B 275 5.55 -27.80 -23.17
CA SER B 275 5.32 -29.24 -23.17
C SER B 275 3.88 -29.60 -22.88
N GLY B 276 3.02 -28.63 -22.61
CA GLY B 276 1.62 -28.90 -22.37
C GLY B 276 1.28 -29.28 -20.96
N LEU B 277 2.26 -29.41 -20.07
CA LEU B 277 1.97 -29.72 -18.69
C LEU B 277 1.07 -28.63 -18.10
N SER B 278 0.20 -29.04 -17.19
CA SER B 278 -0.76 -28.10 -16.58
C SER B 278 -0.04 -27.26 -15.54
N LEU B 279 0.80 -26.35 -16.04
CA LEU B 279 1.59 -25.47 -15.19
C LEU B 279 1.67 -24.10 -15.83
N GLY B 280 2.37 -23.18 -15.18
CA GLY B 280 2.46 -21.82 -15.66
C GLY B 280 3.86 -21.26 -15.72
N LYS B 281 3.94 -19.96 -15.95
CA LYS B 281 5.18 -19.21 -15.90
C LYS B 281 4.96 -17.89 -15.19
N GLU B 282 4.04 -17.87 -14.22
CA GLU B 282 3.74 -16.66 -13.46
C GLU B 282 4.37 -16.69 -12.07
N GLY B 283 4.10 -17.72 -11.27
CA GLY B 283 4.77 -17.87 -10.00
C GLY B 283 6.25 -18.10 -10.17
N PRO B 284 6.59 -19.03 -11.07
CA PRO B 284 7.98 -19.16 -11.49
C PRO B 284 8.60 -17.83 -11.84
N LEU B 285 7.80 -16.84 -12.24
CA LEU B 285 8.37 -15.53 -12.51
C LEU B 285 8.56 -14.73 -11.24
N VAL B 286 7.82 -15.01 -10.17
CA VAL B 286 8.19 -14.46 -8.87
C VAL B 286 9.55 -14.99 -8.45
N HIS B 287 9.76 -16.30 -8.61
CA HIS B 287 11.06 -16.86 -8.28
C HIS B 287 12.16 -16.31 -9.17
N VAL B 288 11.88 -16.12 -10.47
CA VAL B 288 12.90 -15.60 -11.37
C VAL B 288 13.16 -14.12 -11.11
N ALA B 289 12.14 -13.37 -10.72
CA ALA B 289 12.36 -12.00 -10.33
C ALA B 289 13.24 -11.93 -9.09
N CYS B 290 13.00 -12.81 -8.13
CA CYS B 290 13.83 -12.83 -6.93
C CYS B 290 15.23 -13.34 -7.23
N CYS B 291 15.38 -14.24 -8.19
CA CYS B 291 16.72 -14.63 -8.62
C CYS B 291 17.46 -13.45 -9.18
N CYS B 292 16.77 -12.62 -9.97
CA CYS B 292 17.38 -11.39 -10.45
C CYS B 292 17.72 -10.46 -9.30
N GLY B 293 16.81 -10.33 -8.33
CA GLY B 293 17.08 -9.46 -7.20
C GLY B 293 18.33 -9.87 -6.45
N ASN B 294 18.44 -11.16 -6.14
CA ASN B 294 19.65 -11.64 -5.49
C ASN B 294 20.87 -11.48 -6.37
N ILE B 295 20.77 -11.79 -7.66
CA ILE B 295 21.96 -11.73 -8.50
C ILE B 295 22.46 -10.31 -8.61
N PHE B 296 21.56 -9.33 -8.57
CA PHE B 296 21.98 -7.94 -8.63
C PHE B 296 22.39 -7.38 -7.27
N SER B 297 21.86 -7.93 -6.18
CA SER B 297 22.32 -7.49 -4.87
C SER B 297 23.82 -7.69 -4.73
N TYR B 298 24.37 -8.72 -5.35
CA TYR B 298 25.82 -8.94 -5.24
C TYR B 298 26.61 -7.82 -5.91
N LEU B 299 26.00 -7.08 -6.83
CA LEU B 299 26.74 -6.04 -7.53
C LEU B 299 27.23 -4.97 -6.57
N PHE B 300 26.39 -4.57 -5.63
CA PHE B 300 26.68 -3.41 -4.81
C PHE B 300 27.03 -3.84 -3.38
N PRO B 301 27.89 -3.09 -2.70
CA PRO B 301 28.41 -3.57 -1.41
C PRO B 301 27.43 -3.43 -0.25
N LYS B 302 26.40 -2.59 -0.34
CA LYS B 302 25.46 -2.48 0.77
C LYS B 302 24.71 -3.78 0.99
N TYR B 303 24.34 -4.46 -0.10
CA TYR B 303 23.53 -5.66 -0.02
C TYR B 303 24.34 -6.95 -0.09
N SER B 304 25.45 -6.95 -0.82
CA SER B 304 26.27 -8.16 -0.89
C SER B 304 26.77 -8.54 0.49
N THR B 305 27.09 -7.54 1.32
CA THR B 305 27.65 -7.81 2.63
C THR B 305 26.60 -8.26 3.65
N ASN B 306 25.40 -7.68 3.60
CA ASN B 306 24.40 -7.89 4.63
C ASN B 306 23.28 -8.79 4.14
N GLU B 307 22.52 -9.34 5.08
CA GLU B 307 21.41 -10.23 4.79
C GLU B 307 20.04 -9.58 4.95
N ALA B 308 19.90 -8.60 5.83
CA ALA B 308 18.63 -7.89 5.91
C ALA B 308 18.38 -7.07 4.65
N LYS B 309 19.43 -6.43 4.15
CA LYS B 309 19.24 -5.51 3.05
C LYS B 309 18.88 -6.26 1.77
N LYS B 310 19.49 -7.43 1.56
CA LYS B 310 19.10 -8.25 0.42
C LYS B 310 17.72 -8.85 0.60
N ARG B 311 17.24 -9.02 1.83
CA ARG B 311 15.85 -9.43 2.02
C ARG B 311 14.90 -8.31 1.62
N GLU B 312 15.28 -7.05 1.85
CA GLU B 312 14.49 -5.95 1.30
C GLU B 312 14.49 -5.97 -0.23
N VAL B 313 15.68 -6.17 -0.82
CA VAL B 313 15.76 -6.23 -2.27
C VAL B 313 14.90 -7.38 -2.81
N LEU B 314 14.86 -8.50 -2.09
CA LEU B 314 14.04 -9.63 -2.51
C LEU B 314 12.56 -9.32 -2.38
N SER B 315 12.17 -8.51 -1.40
CA SER B 315 10.78 -8.04 -1.37
C SER B 315 10.46 -7.28 -2.66
N ALA B 316 11.33 -6.33 -3.01
CA ALA B 316 11.10 -5.56 -4.23
C ALA B 316 11.03 -6.47 -5.44
N ALA B 317 11.89 -7.49 -5.49
CA ALA B 317 11.95 -8.38 -6.65
C ALA B 317 10.70 -9.25 -6.74
N SER B 318 10.15 -9.69 -5.60
CA SER B 318 8.90 -10.43 -5.65
C SER B 318 7.77 -9.55 -6.18
N ALA B 319 7.76 -8.28 -5.79
CA ALA B 319 6.78 -7.35 -6.36
C ALA B 319 6.93 -7.27 -7.88
N ALA B 320 8.17 -7.09 -8.36
CA ALA B 320 8.39 -7.00 -9.80
C ALA B 320 7.98 -8.28 -10.51
N GLY B 321 8.26 -9.44 -9.89
CA GLY B 321 7.90 -10.70 -10.51
C GLY B 321 6.42 -10.87 -10.67
N VAL B 322 5.64 -10.50 -9.65
CA VAL B 322 4.20 -10.59 -9.80
C VAL B 322 3.70 -9.60 -10.83
N SER B 323 4.32 -8.42 -10.89
CA SER B 323 3.97 -7.45 -11.93
C SER B 323 4.12 -8.04 -13.32
N VAL B 324 5.28 -8.63 -13.63
CA VAL B 324 5.47 -9.19 -14.95
C VAL B 324 4.55 -10.39 -15.14
N ALA B 325 4.29 -11.15 -14.08
CA ALA B 325 3.45 -12.33 -14.20
C ALA B 325 2.05 -11.96 -14.65
N PHE B 326 1.48 -10.89 -14.09
CA PHE B 326 0.12 -10.49 -14.43
C PHE B 326 0.01 -9.18 -15.16
N GLY B 327 1.09 -8.42 -15.28
CA GLY B 327 1.01 -7.09 -15.85
C GLY B 327 0.22 -6.13 -14.99
N ALA B 328 0.38 -6.22 -13.67
CA ALA B 328 -0.38 -5.39 -12.73
C ALA B 328 0.56 -4.84 -11.67
N PRO B 329 1.24 -3.73 -11.95
CA PRO B 329 2.24 -3.25 -10.99
C PRO B 329 1.69 -3.05 -9.57
N ILE B 330 0.51 -2.46 -9.42
CA ILE B 330 -0.06 -2.33 -8.08
C ILE B 330 -0.38 -3.71 -7.54
N GLY B 331 -0.88 -4.61 -8.40
CA GLY B 331 -1.14 -5.96 -7.97
C GLY B 331 0.11 -6.68 -7.50
N GLY B 332 1.23 -6.46 -8.19
CA GLY B 332 2.47 -7.06 -7.76
C GLY B 332 2.96 -6.50 -6.43
N VAL B 333 2.81 -5.20 -6.23
CA VAL B 333 3.18 -4.62 -4.95
C VAL B 333 2.34 -5.23 -3.84
N LEU B 334 1.03 -5.36 -4.07
CA LEU B 334 0.18 -5.95 -3.04
C LEU B 334 0.48 -7.42 -2.83
N PHE B 335 0.87 -8.15 -3.88
CA PHE B 335 1.21 -9.56 -3.72
C PHE B 335 2.45 -9.71 -2.86
N SER B 336 3.46 -8.87 -3.10
CA SER B 336 4.61 -8.86 -2.21
C SER B 336 4.19 -8.48 -0.79
N LEU B 337 3.28 -7.52 -0.65
CA LEU B 337 2.88 -7.07 0.67
C LEU B 337 2.19 -8.18 1.46
N GLU B 338 1.28 -8.91 0.81
CA GLU B 338 0.36 -9.81 1.49
C GLU B 338 0.96 -11.18 1.71
N GLU B 339 1.53 -11.76 0.65
CA GLU B 339 2.01 -13.12 0.74
C GLU B 339 3.45 -13.38 0.82
N VAL B 340 4.28 -12.64 0.12
CA VAL B 340 5.68 -13.02 0.00
C VAL B 340 6.57 -12.41 1.07
N SER B 341 6.06 -11.49 1.88
CA SER B 341 6.90 -10.87 2.89
C SER B 341 6.04 -10.44 4.08
N TYR B 342 6.72 -10.21 5.22
CA TYR B 342 6.05 -9.63 6.37
C TYR B 342 6.95 -8.61 7.08
N TYR B 343 7.79 -7.92 6.31
CA TYR B 343 8.61 -6.82 6.81
C TYR B 343 8.57 -5.72 5.77
N PHE B 344 7.86 -4.62 6.07
CA PHE B 344 7.72 -3.49 5.14
C PHE B 344 8.00 -2.19 5.86
N PRO B 345 9.26 -1.82 6.02
CA PRO B 345 9.59 -0.60 6.77
C PRO B 345 9.30 0.68 6.00
N LEU B 346 8.12 0.77 5.39
CA LEU B 346 7.62 1.99 4.75
C LEU B 346 8.38 2.33 3.47
N LYS B 347 9.51 1.68 3.23
CA LYS B 347 10.32 1.95 2.06
C LYS B 347 10.19 0.86 1.02
N THR B 348 10.15 -0.39 1.47
CA THR B 348 9.97 -1.52 0.57
C THR B 348 8.50 -1.76 0.32
N LEU B 349 7.80 -0.69 -0.03
CA LEU B 349 6.54 -0.34 -0.70
C LEU B 349 6.78 0.58 -1.87
N TRP B 350 7.48 1.70 -1.68
CA TRP B 350 7.82 2.55 -2.82
C TRP B 350 8.81 1.84 -3.73
N ARG B 351 9.78 1.15 -3.13
CA ARG B 351 10.74 0.40 -3.94
C ARG B 351 10.06 -0.76 -4.66
N SER B 352 9.13 -1.44 -3.98
CA SER B 352 8.34 -2.47 -4.63
C SER B 352 7.55 -1.87 -5.80
N PHE B 353 6.97 -0.69 -5.60
CA PHE B 353 6.17 -0.08 -6.66
C PHE B 353 7.03 0.29 -7.85
N PHE B 354 8.23 0.82 -7.61
CA PHE B 354 9.08 1.14 -8.75
C PHE B 354 9.48 -0.12 -9.49
N ALA B 355 9.85 -1.18 -8.76
CA ALA B 355 10.23 -2.42 -9.43
C ALA B 355 9.07 -2.94 -10.27
N ALA B 356 7.86 -2.94 -9.69
CA ALA B 356 6.70 -3.47 -10.40
C ALA B 356 6.40 -2.66 -11.66
N LEU B 357 6.40 -1.33 -11.53
CA LEU B 357 6.13 -0.47 -12.67
C LEU B 357 7.18 -0.66 -13.76
N VAL B 358 8.46 -0.67 -13.38
CA VAL B 358 9.51 -0.81 -14.37
C VAL B 358 9.36 -2.14 -15.10
N ALA B 359 9.11 -3.21 -14.36
CA ALA B 359 9.01 -4.53 -14.97
C ALA B 359 7.81 -4.60 -15.90
N ALA B 360 6.67 -4.07 -15.49
CA ALA B 360 5.50 -4.09 -16.37
C ALA B 360 5.75 -3.29 -17.63
N PHE B 361 6.36 -2.11 -17.51
CA PHE B 361 6.64 -1.31 -18.70
C PHE B 361 7.58 -2.03 -19.65
N VAL B 362 8.66 -2.61 -19.13
CA VAL B 362 9.60 -3.30 -20.01
C VAL B 362 8.95 -4.52 -20.63
N LEU B 363 8.06 -5.18 -19.89
CA LEU B 363 7.30 -6.29 -20.47
C LEU B 363 6.46 -5.81 -21.63
N ARG B 364 5.82 -4.65 -21.48
CA ARG B 364 5.01 -4.11 -22.57
C ARG B 364 5.88 -3.80 -23.78
N SER B 365 7.07 -3.24 -23.56
CA SER B 365 7.93 -2.91 -24.69
C SER B 365 8.30 -4.15 -25.50
N ILE B 366 8.62 -5.26 -24.82
CA ILE B 366 9.10 -6.47 -25.49
C ILE B 366 7.95 -7.16 -26.21
N ASN B 367 7.85 -6.96 -27.52
CA ASN B 367 6.82 -7.62 -28.32
C ASN B 367 7.23 -7.66 -29.79
N PRO B 368 8.29 -8.38 -30.15
CA PRO B 368 8.70 -8.43 -31.56
C PRO B 368 7.64 -9.08 -32.46
N THR B 383 -19.40 -4.53 -20.77
CA THR B 383 -20.85 -4.53 -20.62
C THR B 383 -21.22 -4.70 -19.14
N PRO B 384 -22.15 -3.88 -18.64
CA PRO B 384 -22.48 -3.94 -17.22
C PRO B 384 -23.12 -5.26 -16.83
N TRP B 385 -22.92 -5.62 -15.57
CA TRP B 385 -23.48 -6.83 -14.99
C TRP B 385 -24.69 -6.50 -14.13
N TYR B 386 -25.66 -7.39 -14.12
CA TYR B 386 -26.91 -7.18 -13.40
C TYR B 386 -26.79 -7.73 -11.99
N LEU B 387 -27.63 -7.22 -11.10
CA LEU B 387 -27.51 -7.61 -9.70
C LEU B 387 -27.73 -9.11 -9.52
N PHE B 388 -28.73 -9.66 -10.20
CA PHE B 388 -29.06 -11.07 -9.99
C PHE B 388 -27.92 -12.00 -10.38
N GLU B 389 -26.81 -11.48 -10.91
CA GLU B 389 -25.67 -12.32 -11.21
C GLU B 389 -24.78 -12.58 -10.01
N LEU B 390 -24.89 -11.82 -8.91
CA LEU B 390 -24.03 -12.11 -7.77
C LEU B 390 -24.23 -13.53 -7.27
N PHE B 391 -25.44 -14.06 -7.37
CA PHE B 391 -25.64 -15.44 -6.97
C PHE B 391 -24.79 -16.40 -7.80
N PRO B 392 -24.77 -16.32 -9.13
CA PRO B 392 -23.73 -17.06 -9.87
C PRO B 392 -22.32 -16.68 -9.46
N PHE B 393 -21.99 -15.39 -9.41
CA PHE B 393 -20.64 -15.00 -9.06
C PHE B 393 -20.21 -15.60 -7.73
N ILE B 394 -21.00 -15.40 -6.68
CA ILE B 394 -20.66 -16.01 -5.39
C ILE B 394 -20.53 -17.51 -5.55
N LEU B 395 -21.41 -18.13 -6.33
CA LEU B 395 -21.29 -19.56 -6.57
C LEU B 395 -19.88 -19.90 -7.05
N LEU B 396 -19.40 -19.20 -8.07
CA LEU B 396 -18.03 -19.44 -8.52
C LEU B 396 -17.07 -19.29 -7.36
N GLY B 397 -17.22 -18.22 -6.58
CA GLY B 397 -16.38 -18.05 -5.42
C GLY B 397 -16.33 -19.31 -4.57
N VAL B 398 -17.49 -19.85 -4.24
CA VAL B 398 -17.51 -21.07 -3.43
C VAL B 398 -16.74 -22.17 -4.14
N PHE B 399 -17.03 -22.39 -5.42
CA PHE B 399 -16.27 -23.38 -6.16
C PHE B 399 -14.78 -23.09 -6.02
N GLY B 400 -14.39 -21.85 -6.28
CA GLY B 400 -13.00 -21.48 -6.09
C GLY B 400 -12.51 -22.00 -4.76
N GLY B 401 -13.16 -21.58 -3.68
CA GLY B 401 -12.77 -22.05 -2.38
C GLY B 401 -12.58 -23.55 -2.35
N LEU B 402 -13.64 -24.30 -2.70
CA LEU B 402 -13.55 -25.74 -2.64
C LEU B 402 -12.32 -26.22 -3.38
N TRP B 403 -12.16 -25.78 -4.63
CA TRP B 403 -10.98 -26.15 -5.40
C TRP B 403 -9.74 -25.99 -4.54
N GLY B 404 -9.45 -24.77 -4.12
CA GLY B 404 -8.29 -24.52 -3.31
C GLY B 404 -8.18 -25.56 -2.23
N ALA B 405 -9.20 -25.64 -1.37
CA ALA B 405 -9.17 -26.61 -0.29
C ALA B 405 -8.77 -27.97 -0.83
N PHE B 406 -9.60 -28.54 -1.72
CA PHE B 406 -9.26 -29.82 -2.33
C PHE B 406 -7.80 -29.84 -2.74
N PHE B 407 -7.43 -28.93 -3.63
CA PHE B 407 -6.07 -28.93 -4.15
C PHE B 407 -5.07 -29.01 -3.02
N ILE B 408 -5.18 -28.08 -2.06
CA ILE B 408 -4.14 -27.97 -1.06
C ILE B 408 -3.99 -29.29 -0.33
N ARG B 409 -5.10 -29.94 0.00
CA ARG B 409 -5.00 -31.26 0.58
C ARG B 409 -4.40 -32.20 -0.46
N ALA B 410 -5.12 -32.40 -1.56
CA ALA B 410 -4.73 -33.43 -2.53
C ALA B 410 -3.28 -33.26 -2.93
N ASN B 411 -2.93 -32.11 -3.51
CA ASN B 411 -1.57 -31.92 -3.96
C ASN B 411 -0.58 -32.25 -2.86
N ILE B 412 -0.80 -31.70 -1.65
CA ILE B 412 0.16 -31.91 -0.59
C ILE B 412 0.31 -33.39 -0.31
N ALA B 413 -0.82 -34.10 -0.22
CA ALA B 413 -0.72 -35.54 -0.04
C ALA B 413 0.20 -36.12 -1.08
N TRP B 414 -0.04 -35.79 -2.35
CA TRP B 414 0.81 -36.32 -3.41
C TRP B 414 2.26 -35.94 -3.16
N CYS B 415 2.53 -34.66 -2.88
CA CYS B 415 3.91 -34.28 -2.60
C CYS B 415 4.44 -35.03 -1.39
N ARG B 416 3.64 -35.11 -0.32
CA ARG B 416 4.06 -35.86 0.85
C ARG B 416 4.16 -37.34 0.56
N ARG B 417 3.50 -37.82 -0.50
CA ARG B 417 3.69 -39.19 -0.93
C ARG B 417 4.93 -39.33 -1.78
N ARG B 418 5.27 -38.30 -2.56
CA ARG B 418 6.46 -38.39 -3.39
C ARG B 418 7.71 -38.54 -2.53
N LYS B 419 7.65 -38.09 -1.27
CA LYS B 419 8.77 -38.21 -0.35
C LYS B 419 8.71 -39.46 0.50
N SER B 420 7.73 -40.33 0.29
CA SER B 420 7.60 -41.56 1.06
C SER B 420 7.20 -42.71 0.14
N THR B 421 7.88 -42.81 -0.99
CA THR B 421 7.71 -43.93 -1.90
C THR B 421 8.81 -43.84 -2.96
N LYS B 422 8.73 -44.72 -3.97
CA LYS B 422 9.79 -44.80 -4.97
C LYS B 422 9.93 -43.49 -5.73
N PHE B 423 8.86 -42.69 -5.81
CA PHE B 423 8.88 -41.52 -6.68
C PHE B 423 10.09 -40.65 -6.40
N GLY B 424 10.40 -40.43 -5.12
CA GLY B 424 11.46 -39.51 -4.79
C GLY B 424 12.77 -39.82 -5.49
N LYS B 425 12.99 -41.08 -5.82
CA LYS B 425 14.21 -41.49 -6.52
C LYS B 425 14.04 -41.53 -8.03
N TYR B 426 12.84 -41.22 -8.54
CA TYR B 426 12.55 -41.26 -9.97
C TYR B 426 11.87 -39.97 -10.38
N PRO B 427 12.61 -38.88 -10.48
CA PRO B 427 12.03 -37.63 -10.96
C PRO B 427 11.81 -37.61 -12.47
N VAL B 428 12.82 -38.05 -13.24
CA VAL B 428 12.73 -37.94 -14.69
C VAL B 428 11.64 -38.84 -15.24
N LEU B 429 11.55 -40.08 -14.75
CA LEU B 429 10.48 -40.96 -15.21
C LEU B 429 9.13 -40.38 -14.84
N GLU B 430 9.03 -39.73 -13.68
CA GLU B 430 7.77 -39.12 -13.28
C GLU B 430 7.37 -38.01 -14.25
N VAL B 431 8.32 -37.14 -14.58
CA VAL B 431 7.99 -36.03 -15.47
C VAL B 431 7.60 -36.56 -16.84
N ILE B 432 8.34 -37.55 -17.35
CA ILE B 432 8.03 -38.12 -18.65
C ILE B 432 6.64 -38.74 -18.65
N ILE B 433 6.31 -39.49 -17.60
CA ILE B 433 5.01 -40.14 -17.54
C ILE B 433 3.89 -39.11 -17.46
N VAL B 434 4.05 -38.10 -16.61
CA VAL B 434 3.01 -37.08 -16.50
C VAL B 434 2.85 -36.34 -17.82
N ALA B 435 3.96 -36.02 -18.49
CA ALA B 435 3.87 -35.31 -19.76
C ALA B 435 3.22 -36.18 -20.82
N ALA B 436 3.53 -37.48 -20.83
CA ALA B 436 2.90 -38.38 -21.79
C ALA B 436 1.40 -38.46 -21.57
N ILE B 437 0.97 -38.62 -20.32
CA ILE B 437 -0.46 -38.70 -20.04
C ILE B 437 -1.15 -37.38 -20.38
N THR B 438 -0.53 -36.26 -20.00
CA THR B 438 -1.09 -34.96 -20.35
C THR B 438 -1.26 -34.81 -21.85
N ALA B 439 -0.23 -35.17 -22.62
CA ALA B 439 -0.32 -35.01 -24.06
C ALA B 439 -1.35 -35.95 -24.66
N VAL B 440 -1.37 -37.21 -24.22
CA VAL B 440 -2.30 -38.18 -24.77
C VAL B 440 -3.73 -37.74 -24.55
N ILE B 441 -4.04 -37.28 -23.34
CA ILE B 441 -5.42 -36.95 -23.01
C ILE B 441 -5.79 -35.51 -23.35
N ALA B 442 -4.82 -34.67 -23.72
CA ALA B 442 -5.10 -33.28 -24.00
C ALA B 442 -5.40 -33.01 -25.47
N PHE B 443 -4.73 -33.71 -26.39
CA PHE B 443 -4.89 -33.38 -27.80
C PHE B 443 -6.31 -33.53 -28.30
N PRO B 444 -6.99 -34.66 -28.12
CA PRO B 444 -8.28 -34.84 -28.81
C PRO B 444 -9.23 -33.69 -28.58
N ASN B 445 -9.24 -33.17 -27.37
CA ASN B 445 -10.13 -32.08 -27.01
C ASN B 445 -9.52 -30.76 -27.49
N PRO B 446 -10.25 -29.96 -28.28
CA PRO B 446 -9.66 -28.73 -28.82
C PRO B 446 -9.44 -27.63 -27.80
N TYR B 447 -9.90 -27.79 -26.55
CA TYR B 447 -9.66 -26.77 -25.53
C TYR B 447 -8.45 -27.09 -24.68
N THR B 448 -8.21 -28.36 -24.36
CA THR B 448 -7.00 -28.73 -23.64
C THR B 448 -5.79 -28.77 -24.55
N ARG B 449 -5.98 -28.84 -25.87
CA ARG B 449 -4.86 -28.79 -26.79
C ARG B 449 -4.18 -27.43 -26.77
N LEU B 450 -4.97 -26.36 -26.65
CA LEU B 450 -4.43 -25.01 -26.69
C LEU B 450 -3.55 -24.72 -25.49
N ASN B 451 -2.62 -23.79 -25.65
CA ASN B 451 -1.87 -23.29 -24.51
C ASN B 451 -2.85 -22.78 -23.47
N THR B 452 -2.63 -23.14 -22.21
CA THR B 452 -3.56 -22.73 -21.17
C THR B 452 -3.76 -21.22 -21.16
N SER B 453 -2.72 -20.46 -21.45
CA SER B 453 -2.90 -19.01 -21.57
C SER B 453 -3.80 -18.68 -22.74
N GLU B 454 -3.65 -19.39 -23.86
CA GLU B 454 -4.54 -19.15 -25.00
C GLU B 454 -5.97 -19.55 -24.66
N LEU B 455 -6.14 -20.61 -23.88
CA LEU B 455 -7.47 -20.98 -23.42
C LEU B 455 -8.07 -19.92 -22.51
N ILE B 456 -7.23 -19.26 -21.71
CA ILE B 456 -7.73 -18.20 -20.86
C ILE B 456 -8.14 -16.99 -21.69
N LYS B 457 -7.31 -16.62 -22.66
CA LYS B 457 -7.63 -15.49 -23.51
C LYS B 457 -8.89 -15.76 -24.32
N GLU B 458 -9.13 -17.04 -24.66
CA GLU B 458 -10.36 -17.39 -25.37
C GLU B 458 -11.57 -17.44 -24.45
N LEU B 459 -11.41 -17.92 -23.21
CA LEU B 459 -12.53 -18.03 -22.29
C LEU B 459 -12.89 -16.72 -21.62
N PHE B 460 -12.01 -15.73 -21.63
CA PHE B 460 -12.33 -14.42 -21.08
C PHE B 460 -13.02 -13.51 -22.08
N THR B 461 -13.08 -13.89 -23.36
CA THR B 461 -13.61 -13.02 -24.40
C THR B 461 -15.02 -13.42 -24.76
N ASP B 462 -15.78 -12.46 -25.29
CA ASP B 462 -17.17 -12.69 -25.65
C ASP B 462 -17.29 -13.07 -27.12
N CYS B 463 -18.36 -13.80 -27.43
CA CYS B 463 -18.62 -14.19 -28.81
C CYS B 463 -19.06 -12.99 -29.62
N GLY B 464 -18.62 -12.92 -30.87
CA GLY B 464 -18.97 -11.83 -31.75
C GLY B 464 -19.00 -12.23 -33.21
N TYR B 497 -24.33 -27.15 -27.44
CA TYR B 497 -24.23 -28.10 -26.33
C TYR B 497 -22.83 -28.72 -26.29
N SER B 498 -22.18 -28.80 -27.44
CA SER B 498 -20.84 -29.36 -27.49
C SER B 498 -19.87 -28.53 -26.65
N ALA B 499 -20.07 -27.21 -26.62
CA ALA B 499 -19.17 -26.35 -25.87
C ALA B 499 -19.17 -26.70 -24.39
N ILE B 500 -20.34 -26.93 -23.81
CA ILE B 500 -20.41 -27.26 -22.39
C ILE B 500 -19.74 -28.60 -22.12
N TRP B 501 -19.98 -29.60 -22.97
CA TRP B 501 -19.38 -30.91 -22.75
C TRP B 501 -17.86 -30.83 -22.83
N GLN B 502 -17.34 -30.13 -23.83
CA GLN B 502 -15.89 -30.04 -24.01
C GLN B 502 -15.25 -29.19 -22.92
N LEU B 503 -15.93 -28.13 -22.47
CA LEU B 503 -15.42 -27.34 -21.37
C LEU B 503 -15.43 -28.13 -20.07
N CYS B 504 -16.45 -28.97 -19.84
CA CYS B 504 -16.47 -29.81 -18.65
C CYS B 504 -15.34 -30.82 -18.67
N LEU B 505 -15.07 -31.43 -19.84
CA LEU B 505 -13.95 -32.35 -19.95
C LEU B 505 -12.62 -31.62 -19.73
N ALA B 506 -12.48 -30.42 -20.27
CA ALA B 506 -11.27 -29.64 -20.01
C ALA B 506 -11.12 -29.38 -18.52
N LEU B 507 -12.21 -29.03 -17.84
CA LEU B 507 -12.13 -28.73 -16.41
C LEU B 507 -11.68 -29.95 -15.62
N ILE B 508 -12.33 -31.09 -15.84
CA ILE B 508 -11.95 -32.29 -15.10
C ILE B 508 -10.49 -32.65 -15.35
N PHE B 509 -10.09 -32.62 -16.62
CA PHE B 509 -8.71 -32.97 -16.94
C PHE B 509 -7.73 -32.02 -16.28
N LYS B 510 -8.00 -30.72 -16.29
CA LYS B 510 -7.08 -29.78 -15.69
C LYS B 510 -7.03 -29.96 -14.18
N ILE B 511 -8.17 -30.23 -13.56
CA ILE B 511 -8.20 -30.42 -12.12
C ILE B 511 -7.35 -31.62 -11.72
N ILE B 512 -7.45 -32.71 -12.47
CA ILE B 512 -6.63 -33.88 -12.15
C ILE B 512 -5.15 -33.59 -12.41
N MET B 513 -4.84 -33.06 -13.59
CA MET B 513 -3.44 -32.98 -13.99
C MET B 513 -2.69 -31.88 -13.28
N THR B 514 -3.36 -30.89 -12.69
CA THR B 514 -2.62 -29.93 -11.88
C THR B 514 -2.31 -30.48 -10.51
N VAL B 515 -3.21 -31.30 -9.96
CA VAL B 515 -2.92 -31.99 -8.70
C VAL B 515 -1.74 -32.91 -8.88
N PHE B 516 -1.70 -33.63 -10.00
CA PHE B 516 -0.58 -34.54 -10.25
C PHE B 516 0.65 -33.83 -10.79
N THR B 517 0.50 -32.61 -11.30
CA THR B 517 1.61 -31.90 -11.92
C THR B 517 2.35 -31.01 -10.94
N PHE B 518 1.65 -30.16 -10.21
CA PHE B 518 2.35 -29.23 -9.32
C PHE B 518 3.21 -30.04 -8.37
N GLY B 519 4.51 -29.85 -8.45
CA GLY B 519 5.44 -30.57 -7.59
C GLY B 519 6.50 -31.34 -8.37
N ILE B 520 6.14 -31.90 -9.51
CA ILE B 520 7.12 -32.64 -10.27
C ILE B 520 8.28 -31.73 -10.61
N LYS B 521 9.42 -32.33 -10.88
CA LYS B 521 10.65 -31.57 -11.02
C LYS B 521 10.72 -30.83 -12.35
N VAL B 522 9.83 -29.87 -12.54
CA VAL B 522 9.95 -28.90 -13.63
C VAL B 522 9.41 -27.60 -13.07
N PRO B 523 9.78 -26.45 -13.60
CA PRO B 523 9.32 -25.19 -13.01
C PRO B 523 7.83 -25.00 -13.13
N SER B 524 7.09 -25.70 -12.30
CA SER B 524 5.63 -25.76 -12.38
C SER B 524 5.05 -24.65 -11.51
N GLY B 525 4.57 -23.60 -12.16
CA GLY B 525 3.80 -22.59 -11.47
C GLY B 525 2.39 -23.04 -11.20
N LEU B 526 1.65 -22.17 -10.52
CA LEU B 526 0.31 -22.53 -10.08
C LEU B 526 -0.70 -21.41 -10.26
N PHE B 527 -0.32 -20.28 -10.85
CA PHE B 527 -1.29 -19.23 -11.11
C PHE B 527 -2.13 -19.55 -12.35
N ILE B 528 -1.49 -19.94 -13.44
CA ILE B 528 -2.20 -19.94 -14.70
C ILE B 528 -3.08 -21.19 -14.79
N PRO B 529 -2.70 -22.35 -14.24
CA PRO B 529 -3.66 -23.48 -14.30
C PRO B 529 -4.81 -23.32 -13.34
N SER B 530 -4.59 -22.68 -12.19
CA SER B 530 -5.70 -22.33 -11.32
C SER B 530 -6.65 -21.34 -12.00
N MET B 531 -6.09 -20.33 -12.68
CA MET B 531 -6.92 -19.41 -13.44
C MET B 531 -7.66 -20.12 -14.57
N ALA B 532 -7.03 -21.08 -15.22
CA ALA B 532 -7.69 -21.78 -16.32
C ALA B 532 -8.82 -22.67 -15.81
N ILE B 533 -8.60 -23.34 -14.67
CA ILE B 533 -9.67 -24.13 -14.08
C ILE B 533 -10.82 -23.24 -13.66
N GLY B 534 -10.51 -22.11 -13.04
CA GLY B 534 -11.54 -21.17 -12.66
C GLY B 534 -12.28 -20.59 -13.84
N ALA B 535 -11.55 -20.25 -14.91
CA ALA B 535 -12.16 -19.69 -16.10
C ALA B 535 -13.07 -20.69 -16.78
N ILE B 536 -12.65 -21.95 -16.87
CA ILE B 536 -13.53 -22.94 -17.47
C ILE B 536 -14.79 -23.12 -16.64
N ALA B 537 -14.65 -23.16 -15.31
CA ALA B 537 -15.84 -23.26 -14.48
C ALA B 537 -16.74 -22.04 -14.63
N GLY B 538 -16.14 -20.85 -14.67
CA GLY B 538 -16.92 -19.64 -14.82
C GLY B 538 -17.66 -19.60 -16.14
N ARG B 539 -16.99 -19.97 -17.23
CA ARG B 539 -17.65 -19.96 -18.52
C ARG B 539 -18.73 -21.03 -18.58
N ILE B 540 -18.52 -22.17 -17.94
CA ILE B 540 -19.59 -23.16 -17.92
C ILE B 540 -20.80 -22.58 -17.22
N VAL B 541 -20.59 -21.89 -16.10
CA VAL B 541 -21.71 -21.28 -15.38
C VAL B 541 -22.34 -20.17 -16.23
N GLY B 542 -21.53 -19.39 -16.94
CA GLY B 542 -22.07 -18.34 -17.77
C GLY B 542 -22.93 -18.87 -18.89
N ILE B 543 -22.47 -19.94 -19.54
CA ILE B 543 -23.28 -20.59 -20.57
C ILE B 543 -24.55 -21.17 -19.97
N ALA B 544 -24.46 -21.72 -18.76
CA ALA B 544 -25.66 -22.23 -18.11
C ALA B 544 -26.66 -21.10 -17.87
N VAL B 545 -26.15 -19.93 -17.46
CA VAL B 545 -27.03 -18.79 -17.25
C VAL B 545 -27.66 -18.34 -18.56
N GLU B 546 -26.86 -18.31 -19.64
CA GLU B 546 -27.41 -17.93 -20.93
C GLU B 546 -28.55 -18.84 -21.32
N GLN B 547 -28.34 -20.16 -21.24
CA GLN B 547 -29.38 -21.10 -21.61
C GLN B 547 -30.60 -20.96 -20.70
N LEU B 548 -30.39 -20.85 -19.39
CA LEU B 548 -31.52 -20.76 -18.47
C LEU B 548 -32.33 -19.50 -18.73
N ALA B 549 -31.67 -18.37 -18.96
CA ALA B 549 -32.39 -17.13 -19.22
C ALA B 549 -33.10 -17.18 -20.57
N TYR B 550 -32.44 -17.71 -21.59
CA TYR B 550 -33.07 -17.77 -22.91
C TYR B 550 -34.31 -18.66 -22.89
N TYR B 551 -34.23 -19.82 -22.23
CA TYR B 551 -35.35 -20.73 -22.17
C TYR B 551 -36.37 -20.35 -21.09
N HIS B 552 -36.02 -19.44 -20.19
CA HIS B 552 -36.91 -19.07 -19.08
C HIS B 552 -36.87 -17.57 -18.80
N HIS B 553 -36.71 -16.75 -19.83
CA HIS B 553 -36.65 -15.31 -19.60
C HIS B 553 -37.93 -14.78 -18.97
N ASP B 554 -39.02 -15.53 -19.05
CA ASP B 554 -40.27 -15.14 -18.40
C ASP B 554 -40.13 -15.08 -16.88
N TRP B 555 -39.06 -15.63 -16.31
CA TRP B 555 -38.85 -15.55 -14.88
C TRP B 555 -38.70 -14.09 -14.46
N PHE B 556 -39.28 -13.76 -13.30
CA PHE B 556 -39.23 -12.39 -12.81
C PHE B 556 -37.80 -11.94 -12.50
N ILE B 557 -36.86 -12.87 -12.38
CA ILE B 557 -35.49 -12.50 -12.04
C ILE B 557 -34.86 -11.68 -13.16
N PHE B 558 -35.03 -12.12 -14.41
CA PHE B 558 -34.32 -11.50 -15.52
C PHE B 558 -35.10 -10.36 -16.17
N LYS B 559 -36.41 -10.42 -16.15
CA LYS B 559 -37.24 -9.38 -16.76
C LYS B 559 -36.95 -8.03 -16.10
N ILE B 569 -25.86 -10.37 -20.23
CA ILE B 569 -25.07 -11.43 -19.61
C ILE B 569 -23.87 -11.78 -20.49
N THR B 570 -22.67 -11.44 -20.02
CA THR B 570 -21.44 -11.68 -20.76
C THR B 570 -20.70 -12.85 -20.13
N PRO B 571 -20.60 -14.00 -20.80
CA PRO B 571 -19.87 -15.13 -20.20
C PRO B 571 -18.41 -14.84 -19.95
N GLY B 572 -17.82 -13.86 -20.64
CA GLY B 572 -16.45 -13.48 -20.33
C GLY B 572 -16.30 -13.02 -18.89
N LEU B 573 -17.29 -12.28 -18.39
CA LEU B 573 -17.24 -11.86 -17.00
C LEU B 573 -17.26 -13.05 -16.05
N TYR B 574 -18.07 -14.06 -16.36
CA TYR B 574 -18.07 -15.26 -15.54
C TYR B 574 -16.72 -15.93 -15.56
N ALA B 575 -16.06 -15.95 -16.71
CA ALA B 575 -14.72 -16.52 -16.77
C ALA B 575 -13.77 -15.75 -15.88
N MET B 576 -13.84 -14.43 -15.91
CA MET B 576 -12.97 -13.63 -15.04
C MET B 576 -13.25 -13.91 -13.57
N VAL B 577 -14.52 -13.96 -13.20
CA VAL B 577 -14.87 -14.18 -11.80
C VAL B 577 -14.39 -15.55 -11.35
N GLY B 578 -14.62 -16.57 -12.18
CA GLY B 578 -14.17 -17.91 -11.81
C GLY B 578 -12.66 -18.00 -11.69
N ALA B 579 -11.93 -17.36 -12.60
CA ALA B 579 -10.48 -17.39 -12.51
C ALA B 579 -10.00 -16.74 -11.22
N ALA B 580 -10.57 -15.58 -10.87
CA ALA B 580 -10.15 -14.92 -9.64
C ALA B 580 -10.54 -15.74 -8.41
N ALA B 581 -11.73 -16.32 -8.42
CA ALA B 581 -12.15 -17.17 -7.30
C ALA B 581 -11.21 -18.34 -7.10
N CYS B 582 -10.88 -19.05 -8.19
CA CYS B 582 -10.04 -20.23 -8.08
C CYS B 582 -8.59 -19.88 -7.81
N LEU B 583 -8.13 -18.69 -8.19
CA LEU B 583 -6.78 -18.28 -7.88
C LEU B 583 -6.63 -17.81 -6.45
N GLY B 584 -7.68 -17.26 -5.85
CA GLY B 584 -7.62 -16.83 -4.47
C GLY B 584 -8.00 -17.91 -3.49
N GLY B 585 -8.74 -18.92 -3.97
CA GLY B 585 -9.10 -20.02 -3.10
C GLY B 585 -7.97 -20.98 -2.85
N VAL B 586 -6.94 -20.95 -3.69
CA VAL B 586 -5.75 -21.78 -3.51
C VAL B 586 -4.76 -21.02 -2.64
N THR B 587 -4.28 -19.90 -3.17
CA THR B 587 -3.22 -19.12 -2.53
C THR B 587 -3.70 -18.36 -1.30
N ARG B 588 -5.01 -18.33 -1.06
CA ARG B 588 -5.57 -17.61 0.07
C ARG B 588 -5.09 -16.16 0.09
N MET B 589 -5.47 -15.45 -0.97
CA MET B 589 -5.26 -14.02 -1.08
C MET B 589 -6.59 -13.36 -1.41
N THR B 590 -6.79 -12.14 -0.89
CA THR B 590 -8.08 -11.48 -0.96
C THR B 590 -8.05 -10.24 -1.84
N VAL B 591 -7.22 -9.26 -1.51
CA VAL B 591 -7.29 -7.95 -2.14
C VAL B 591 -6.23 -7.84 -3.22
N SER B 592 -5.02 -8.30 -2.94
CA SER B 592 -3.97 -8.26 -3.94
C SER B 592 -4.49 -8.88 -5.22
N LEU B 593 -5.20 -10.00 -5.07
CA LEU B 593 -5.69 -10.74 -6.22
C LEU B 593 -6.76 -9.94 -6.98
N VAL B 594 -7.69 -9.33 -6.25
CA VAL B 594 -8.72 -8.53 -6.89
C VAL B 594 -8.11 -7.34 -7.62
N VAL B 595 -7.07 -6.75 -7.03
CA VAL B 595 -6.40 -5.61 -7.66
C VAL B 595 -5.67 -6.06 -8.92
N ILE B 596 -5.05 -7.24 -8.87
CA ILE B 596 -4.40 -7.78 -10.06
C ILE B 596 -5.42 -7.96 -11.17
N VAL B 597 -6.58 -8.51 -10.84
CA VAL B 597 -7.62 -8.67 -11.85
C VAL B 597 -8.08 -7.32 -12.38
N PHE B 598 -8.32 -6.35 -11.48
CA PHE B 598 -8.78 -5.04 -11.90
C PHE B 598 -7.80 -4.42 -12.90
N GLU B 599 -6.50 -4.50 -12.59
CA GLU B 599 -5.51 -4.01 -13.55
C GLU B 599 -5.30 -4.97 -14.72
N LEU B 600 -5.73 -6.23 -14.59
CA LEU B 600 -5.60 -7.15 -15.70
C LEU B 600 -6.51 -6.73 -16.85
N THR B 601 -7.58 -6.00 -16.57
CA THR B 601 -8.45 -5.45 -17.60
C THR B 601 -8.62 -3.95 -17.48
N GLY B 602 -8.71 -3.42 -16.26
CA GLY B 602 -8.85 -2.00 -16.02
C GLY B 602 -10.26 -1.55 -15.77
N GLY B 603 -11.25 -2.39 -16.04
CA GLY B 603 -12.64 -2.01 -15.83
C GLY B 603 -13.00 -1.98 -14.36
N LEU B 604 -13.59 -0.86 -13.92
CA LEU B 604 -14.03 -0.73 -12.55
C LEU B 604 -15.39 -1.39 -12.29
N GLU B 605 -16.13 -1.74 -13.33
CA GLU B 605 -17.46 -2.29 -13.14
C GLU B 605 -17.42 -3.72 -12.60
N TYR B 606 -16.26 -4.38 -12.62
CA TYR B 606 -16.13 -5.76 -12.20
C TYR B 606 -15.50 -5.91 -10.82
N ILE B 607 -15.40 -4.83 -10.06
CA ILE B 607 -14.83 -4.93 -8.71
C ILE B 607 -15.78 -5.65 -7.77
N VAL B 608 -17.07 -5.39 -7.87
CA VAL B 608 -18.02 -6.07 -6.99
C VAL B 608 -18.06 -7.57 -7.26
N PRO B 609 -18.22 -8.04 -8.50
CA PRO B 609 -18.18 -9.49 -8.73
C PRO B 609 -16.87 -10.13 -8.28
N LEU B 610 -15.74 -9.54 -8.66
CA LEU B 610 -14.45 -10.14 -8.32
C LEU B 610 -14.24 -10.15 -6.81
N MET B 611 -14.53 -9.04 -6.14
CA MET B 611 -14.37 -8.98 -4.69
C MET B 611 -15.25 -10.01 -4.01
N ALA B 612 -16.52 -10.09 -4.45
CA ALA B 612 -17.44 -11.06 -3.85
C ALA B 612 -16.93 -12.48 -4.02
N ALA B 613 -16.52 -12.83 -5.24
CA ALA B 613 -16.09 -14.20 -5.52
C ALA B 613 -14.79 -14.53 -4.79
N VAL B 614 -13.81 -13.63 -4.81
CA VAL B 614 -12.55 -13.89 -4.14
C VAL B 614 -12.75 -14.02 -2.64
N MET B 615 -13.54 -13.14 -2.04
CA MET B 615 -13.79 -13.24 -0.60
C MET B 615 -14.51 -14.53 -0.27
N THR B 616 -15.54 -14.89 -1.04
CA THR B 616 -16.23 -16.13 -0.75
C THR B 616 -15.29 -17.31 -0.91
N SER B 617 -14.42 -17.26 -1.92
CA SER B 617 -13.48 -18.34 -2.15
C SER B 617 -12.55 -18.50 -0.96
N LYS B 618 -12.02 -17.40 -0.43
CA LYS B 618 -11.15 -17.51 0.74
C LYS B 618 -11.91 -18.00 1.97
N TRP B 619 -13.13 -17.49 2.19
CA TRP B 619 -13.89 -17.93 3.36
C TRP B 619 -14.16 -19.42 3.28
N VAL B 620 -14.51 -19.93 2.10
CA VAL B 620 -14.81 -21.35 1.95
C VAL B 620 -13.53 -22.18 2.01
N GLY B 621 -12.43 -21.66 1.49
CA GLY B 621 -11.19 -22.40 1.51
C GLY B 621 -10.53 -22.44 2.87
N ASP B 622 -10.79 -21.44 3.71
CA ASP B 622 -10.26 -21.44 5.06
C ASP B 622 -10.98 -22.43 5.97
N ALA B 623 -12.21 -22.80 5.64
CA ALA B 623 -12.93 -23.78 6.43
C ALA B 623 -12.28 -25.15 6.37
N PHE B 624 -11.34 -25.38 5.46
CA PHE B 624 -10.64 -26.66 5.34
C PHE B 624 -9.16 -26.51 5.65
N GLY B 625 -8.80 -25.49 6.43
CA GLY B 625 -7.40 -25.26 6.78
C GLY B 625 -6.94 -23.88 6.39
N ARG B 626 -6.44 -23.12 7.35
CA ARG B 626 -6.17 -21.71 7.11
C ARG B 626 -4.99 -21.50 6.18
N GLU B 627 -3.97 -22.34 6.28
CA GLU B 627 -2.75 -22.14 5.52
C GLU B 627 -2.98 -22.35 4.03
N GLY B 628 -2.36 -21.49 3.22
CA GLY B 628 -2.51 -21.53 1.78
C GLY B 628 -1.66 -22.60 1.15
N ILE B 629 -1.58 -22.56 -0.19
CA ILE B 629 -0.76 -23.54 -0.89
C ILE B 629 0.72 -23.24 -0.71
N TYR B 630 1.09 -21.96 -0.64
CA TYR B 630 2.48 -21.59 -0.55
C TYR B 630 3.03 -21.60 0.87
N GLU B 631 2.20 -21.85 1.85
CA GLU B 631 2.68 -22.00 3.20
C GLU B 631 2.46 -23.43 3.59
N ALA B 632 1.45 -24.09 3.08
CA ALA B 632 1.30 -25.52 3.33
C ALA B 632 2.39 -26.33 2.66
N HIS B 633 3.13 -25.75 1.73
CA HIS B 633 4.32 -26.37 1.17
C HIS B 633 5.60 -25.97 1.88
N ILE B 634 5.51 -25.10 2.89
CA ILE B 634 6.62 -24.93 3.82
C ILE B 634 6.48 -25.89 4.99
N ARG B 635 5.27 -26.02 5.53
CA ARG B 635 5.04 -26.97 6.61
C ARG B 635 5.25 -28.40 6.16
N LEU B 636 5.31 -28.65 4.84
CA LEU B 636 5.68 -29.95 4.31
C LEU B 636 7.19 -30.11 4.20
N ASN B 637 7.87 -29.11 3.65
CA ASN B 637 9.32 -29.12 3.62
C ASN B 637 9.94 -28.80 4.97
N GLY B 638 9.14 -28.40 5.94
CA GLY B 638 9.64 -28.16 7.28
C GLY B 638 10.69 -27.08 7.36
N TYR B 639 10.49 -25.98 6.65
CA TYR B 639 11.42 -24.88 6.82
C TYR B 639 11.11 -24.13 8.12
N PRO B 640 12.10 -23.45 8.69
CA PRO B 640 11.88 -22.66 9.91
C PRO B 640 11.27 -21.30 9.60
N PHE B 641 10.01 -21.33 9.18
CA PHE B 641 9.26 -20.14 8.84
C PHE B 641 8.34 -19.82 10.01
N LEU B 642 8.56 -18.68 10.66
CA LEU B 642 7.76 -18.28 11.80
C LEU B 642 6.53 -17.53 11.31
N ASP B 643 5.39 -18.19 11.37
CA ASP B 643 4.17 -17.66 10.76
C ASP B 643 3.72 -16.39 11.47
N ALA B 644 3.38 -15.38 10.68
CA ALA B 644 2.92 -14.11 11.22
C ALA B 644 1.42 -13.94 11.03
N THR B 651 -2.08 -21.66 26.34
CA THR B 651 -1.34 -20.86 27.32
C THR B 651 -0.12 -21.62 27.80
N THR B 652 1.07 -21.07 27.52
CA THR B 652 2.32 -21.73 27.89
C THR B 652 3.35 -20.68 28.23
N LEU B 653 4.37 -21.11 28.96
CA LEU B 653 5.45 -20.26 29.42
C LEU B 653 6.72 -20.59 28.63
N ALA B 654 7.79 -19.83 28.90
CA ALA B 654 9.09 -20.15 28.33
C ALA B 654 9.68 -21.42 28.92
N ALA B 655 9.12 -21.93 30.02
CA ALA B 655 9.58 -23.20 30.57
C ALA B 655 9.23 -24.37 29.66
N ASP B 656 8.08 -24.29 28.99
CA ASP B 656 7.61 -25.41 28.20
C ASP B 656 8.38 -25.58 26.89
N VAL B 657 8.99 -24.51 26.38
CA VAL B 657 9.60 -24.54 25.06
C VAL B 657 11.07 -24.15 25.15
N MET B 658 11.73 -24.54 26.24
CA MET B 658 13.12 -24.21 26.46
C MET B 658 13.96 -25.48 26.58
N ARG B 659 15.09 -25.53 25.84
CA ARG B 659 16.06 -26.61 25.91
C ARG B 659 17.24 -26.17 26.77
N PRO B 660 17.67 -26.96 27.77
CA PRO B 660 17.23 -28.31 28.12
C PRO B 660 15.90 -28.40 28.83
N ARG B 661 15.27 -29.56 28.75
CA ARG B 661 14.02 -29.85 29.45
C ARG B 661 14.30 -30.12 30.92
N SER B 753 36.05 -10.68 21.25
CA SER B 753 35.68 -9.90 20.08
C SER B 753 34.47 -10.50 19.36
N ILE B 754 34.24 -11.79 19.59
CA ILE B 754 33.09 -12.48 19.01
C ILE B 754 31.99 -12.78 20.02
N LEU B 755 32.26 -12.61 21.31
CA LEU B 755 31.26 -12.85 22.33
C LEU B 755 30.07 -11.91 22.13
N ASP B 756 28.91 -12.47 21.81
CA ASP B 756 27.70 -11.66 21.70
C ASP B 756 27.36 -11.11 23.09
N MET B 757 27.58 -9.81 23.27
CA MET B 757 27.44 -9.17 24.57
C MET B 757 26.02 -8.69 24.85
N SER B 758 25.09 -8.85 23.89
CA SER B 758 23.72 -8.35 24.01
C SER B 758 22.73 -9.45 23.70
N PRO B 759 22.68 -10.51 24.50
CA PRO B 759 21.66 -11.54 24.32
C PRO B 759 20.38 -11.14 25.03
N PHE B 760 19.23 -11.34 24.37
CA PHE B 760 17.96 -10.85 24.89
C PHE B 760 17.30 -11.94 25.72
N THR B 761 17.38 -11.81 27.04
CA THR B 761 16.85 -12.78 27.97
C THR B 761 15.35 -12.56 28.16
N VAL B 762 14.65 -13.64 28.45
CA VAL B 762 13.24 -13.58 28.83
C VAL B 762 13.06 -14.45 30.06
N THR B 763 12.42 -13.91 31.09
CA THR B 763 12.25 -14.63 32.34
C THR B 763 11.41 -15.89 32.13
N ASP B 764 11.72 -16.93 32.91
CA ASP B 764 11.01 -18.20 32.77
C ASP B 764 9.51 -18.03 32.97
N HIS B 765 9.10 -17.03 33.73
CA HIS B 765 7.68 -16.81 34.01
C HIS B 765 6.99 -16.03 32.90
N THR B 766 7.72 -15.66 31.85
CA THR B 766 7.14 -14.93 30.73
C THR B 766 6.17 -15.82 29.96
N PRO B 767 5.02 -15.28 29.54
CA PRO B 767 4.16 -16.06 28.65
C PRO B 767 4.89 -16.42 27.37
N MET B 768 4.59 -17.61 26.85
CA MET B 768 5.19 -18.03 25.59
C MET B 768 4.81 -17.08 24.45
N GLU B 769 3.55 -16.64 24.42
CA GLU B 769 3.12 -15.77 23.33
C GLU B 769 3.98 -14.54 23.23
N ILE B 770 4.45 -14.01 24.37
CA ILE B 770 5.29 -12.83 24.34
C ILE B 770 6.64 -13.15 23.70
N VAL B 771 7.19 -14.34 23.97
CA VAL B 771 8.45 -14.73 23.35
C VAL B 771 8.28 -14.92 21.85
N VAL B 772 7.17 -15.54 21.43
CA VAL B 772 6.91 -15.69 20.01
C VAL B 772 6.79 -14.33 19.34
N ASP B 773 6.07 -13.41 19.98
CA ASP B 773 5.92 -12.07 19.43
C ASP B 773 7.26 -11.35 19.36
N ILE B 774 8.11 -11.52 20.36
CA ILE B 774 9.43 -10.90 20.36
C ILE B 774 10.24 -11.43 19.19
N PHE B 775 10.25 -12.76 19.00
CA PHE B 775 10.96 -13.33 17.85
C PHE B 775 10.40 -12.80 16.54
N ARG B 776 9.08 -12.72 16.43
CA ARG B 776 8.47 -12.31 15.16
C ARG B 776 8.79 -10.86 14.83
N LYS B 777 8.55 -9.96 15.78
CA LYS B 777 8.73 -8.53 15.51
C LYS B 777 10.20 -8.17 15.42
N LEU B 778 11.05 -8.87 16.14
CA LEU B 778 12.47 -8.55 16.17
C LEU B 778 13.33 -9.56 15.41
N GLY B 779 12.81 -10.74 15.13
CA GLY B 779 13.53 -11.71 14.32
C GLY B 779 14.78 -12.24 14.97
N LEU B 780 14.70 -12.60 16.25
CA LEU B 780 15.83 -13.15 16.97
C LEU B 780 16.03 -14.61 16.60
N ARG B 781 17.30 -15.03 16.64
CA ARG B 781 17.65 -16.41 16.34
C ARG B 781 17.66 -17.28 17.59
N GLN B 782 18.23 -16.78 18.69
CA GLN B 782 18.24 -17.52 19.94
C GLN B 782 18.22 -16.55 21.10
N CYS B 783 17.35 -16.81 22.07
CA CYS B 783 17.18 -15.97 23.24
C CYS B 783 17.39 -16.79 24.49
N LEU B 784 18.26 -16.32 25.36
CA LEU B 784 18.48 -16.95 26.65
C LEU B 784 17.21 -16.84 27.50
N VAL B 785 17.06 -17.75 28.45
CA VAL B 785 15.96 -17.71 29.42
C VAL B 785 16.56 -17.92 30.80
N THR B 786 16.35 -16.96 31.68
CA THR B 786 17.00 -16.90 32.97
C THR B 786 15.95 -16.94 34.08
N HIS B 787 16.35 -17.45 35.24
CA HIS B 787 15.54 -17.42 36.44
C HIS B 787 16.30 -16.59 37.47
N ASN B 788 15.80 -15.39 37.75
CA ASN B 788 16.48 -14.47 38.66
C ASN B 788 17.90 -14.18 38.19
N GLY B 789 18.04 -13.99 36.87
CA GLY B 789 19.33 -13.70 36.29
C GLY B 789 20.32 -14.85 36.36
N ARG B 790 19.87 -16.06 36.07
CA ARG B 790 20.72 -17.25 36.06
C ARG B 790 20.70 -17.85 34.67
N LEU B 791 21.87 -18.21 34.15
CA LEU B 791 21.97 -18.75 32.80
C LEU B 791 21.34 -20.14 32.78
N LEU B 792 20.02 -20.20 32.61
CA LEU B 792 19.25 -21.41 32.90
C LEU B 792 18.97 -22.22 31.65
N GLY B 793 18.40 -21.61 30.61
CA GLY B 793 18.11 -22.35 29.40
C GLY B 793 18.12 -21.45 28.19
N ILE B 794 17.80 -22.02 27.04
CA ILE B 794 17.85 -21.31 25.77
C ILE B 794 16.59 -21.61 24.98
N ILE B 795 16.20 -20.69 24.10
CA ILE B 795 15.16 -20.92 23.12
C ILE B 795 15.68 -20.51 21.76
N THR B 796 15.36 -21.27 20.73
CA THR B 796 15.75 -20.97 19.36
C THR B 796 14.53 -21.14 18.48
N LYS B 797 14.56 -20.52 17.29
CA LYS B 797 13.42 -20.64 16.39
C LYS B 797 13.05 -22.10 16.20
N LYS B 798 14.05 -22.98 16.13
CA LYS B 798 13.76 -24.39 15.98
C LYS B 798 12.92 -24.90 17.14
N ASP B 799 13.20 -24.45 18.35
CA ASP B 799 12.42 -24.90 19.51
C ASP B 799 10.97 -24.45 19.41
N ILE B 800 10.73 -23.19 19.05
CA ILE B 800 9.37 -22.71 18.92
C ILE B 800 8.63 -23.50 17.84
N LEU B 801 9.30 -23.70 16.71
CA LEU B 801 8.67 -24.41 15.59
C LEU B 801 8.34 -25.84 15.99
N ARG B 802 9.26 -26.52 16.66
CA ARG B 802 8.96 -27.84 17.19
C ARG B 802 7.77 -27.78 18.13
N HIS B 803 7.65 -26.69 18.90
CA HIS B 803 6.51 -26.55 19.79
C HIS B 803 5.21 -26.51 19.00
N MET B 804 5.14 -25.71 17.95
CA MET B 804 3.94 -25.72 17.11
C MET B 804 3.76 -27.08 16.44
N ALA B 805 4.86 -27.68 15.97
CA ALA B 805 4.79 -29.02 15.40
C ALA B 805 4.72 -30.07 16.49
CL CL C . -6.67 21.79 4.60
CL CL D . -3.19 20.16 8.42
CL CL E . -1.53 21.23 16.11
CL CL F . 1.84 -18.90 -13.39
CL CL G . 3.25 -20.14 -8.21
CL CL H . 8.05 -25.07 -4.30
#